data_6EY7
#
_entry.id   6EY7
#
_cell.length_a   81.650
_cell.length_b   87.650
_cell.length_c   186.580
_cell.angle_alpha   90.00
_cell.angle_beta   90.00
_cell.angle_gamma   90.00
#
_symmetry.space_group_name_H-M   'P 21 21 21'
#
loop_
_entity.id
_entity.type
_entity.pdbx_description
1 polymer 'UL89 HCMV terminase'
2 non-polymer 'MANGANESE (II) ION'
3 non-polymer '4-[(4-fluorophenyl)methyl-methyl-amino]-2,4-bis(oxidanylidene)butanoic acid'
4 non-polymer 'CHLORIDE ION'
5 water water
#
_entity_poly.entity_id   1
_entity_poly.type   'polypeptide(L)'
_entity_poly.pdbx_seq_one_letter_code
;MGHHHHHHDYDIPTTENLYFQGGGTNKISQNTVLITDQSREEFDILRYSTLNTNAYDYFGKTLYVYLDPAFTTNRKASGT
GVAAVGAYRHQFLIYGLEHFFLRDLSESSEVAIAECAAHMIISVLSLHPYLDELRIAVEGNTNQAAAVRIACLIRQSVQS
STLIRVLFYHTPDQNHIEQPFYLMGRDKALAVEQFISRFNSGYIKASQELVSYTIKLSHDPIEYLLEQIQNLHRVTLAEG
TTARYSAKRQNRISDDLIIAVIMATYLCDDIHAIRFRVS
;
_entity_poly.pdbx_strand_id   A,B,C,D
#
loop_
_chem_comp.id
_chem_comp.type
_chem_comp.name
_chem_comp.formula
C3W non-polymer '4-[(4-fluorophenyl)methyl-methyl-amino]-2,4-bis(oxidanylidene)butanoic acid' 'C12 H12 F N O4'
CL non-polymer 'CHLORIDE ION' 'Cl -1'
MN non-polymer 'MANGANESE (II) ION' 'Mn 2'
#
# COMPACT_ATOMS: atom_id res chain seq x y z
N LEU A 34 7.23 17.73 31.24
CA LEU A 34 8.33 17.90 30.30
C LEU A 34 7.87 17.65 28.89
N ILE A 35 8.14 18.64 28.02
CA ILE A 35 7.77 18.75 26.62
C ILE A 35 8.94 18.36 25.72
N THR A 36 8.67 17.44 24.76
CA THR A 36 9.64 16.93 23.80
C THR A 36 10.16 18.04 22.87
N ASP A 37 11.42 17.90 22.39
CA ASP A 37 12.02 18.85 21.46
C ASP A 37 11.40 18.75 20.07
N GLN A 38 11.01 17.53 19.64
CA GLN A 38 10.36 17.29 18.35
C GLN A 38 9.02 18.03 18.29
N SER A 39 8.22 17.99 19.38
CA SER A 39 6.91 18.64 19.42
C SER A 39 7.07 20.15 19.31
N ARG A 40 8.08 20.71 19.99
CA ARG A 40 8.42 22.12 19.95
C ARG A 40 8.80 22.53 18.50
N GLU A 41 9.66 21.74 17.83
CA GLU A 41 10.12 21.89 16.44
C GLU A 41 8.94 21.86 15.46
N GLU A 42 8.09 20.80 15.52
CA GLU A 42 6.93 20.65 14.65
C GLU A 42 5.84 21.72 14.88
N PHE A 43 5.77 22.30 16.11
CA PHE A 43 4.83 23.35 16.47
C PHE A 43 5.19 24.62 15.73
N ASP A 44 6.49 24.82 15.53
CA ASP A 44 7.05 25.96 14.84
C ASP A 44 6.95 25.84 13.31
N ILE A 45 7.39 24.70 12.72
CA ILE A 45 7.46 24.50 11.26
C ILE A 45 6.18 23.93 10.60
N LEU A 46 5.26 23.36 11.36
CA LEU A 46 4.03 22.84 10.76
C LEU A 46 2.79 23.54 11.35
N ARG A 47 2.16 24.39 10.53
CA ARG A 47 0.98 25.19 10.92
C ARG A 47 -0.21 25.01 9.91
N TYR A 48 -1.45 25.12 10.39
CA TYR A 48 -2.65 25.00 9.55
C TYR A 48 -2.85 26.25 8.71
N SER A 49 -3.09 26.01 7.40
CA SER A 49 -3.38 27.01 6.40
C SER A 49 -4.92 27.07 6.40
N THR A 50 -5.48 28.08 7.09
CA THR A 50 -6.92 28.21 7.33
C THR A 50 -7.67 29.19 6.40
N LEU A 51 -7.01 29.72 5.36
CA LEU A 51 -7.65 30.70 4.49
C LEU A 51 -8.01 30.17 3.11
N ASN A 52 -7.71 28.90 2.80
CA ASN A 52 -8.11 28.30 1.52
C ASN A 52 -9.67 28.15 1.57
N THR A 53 -10.39 28.87 0.66
CA THR A 53 -11.88 28.86 0.58
C THR A 53 -12.46 27.45 0.31
N ASN A 54 -11.63 26.57 -0.32
CA ASN A 54 -11.87 25.19 -0.71
C ASN A 54 -11.72 24.24 0.50
N ALA A 55 -11.40 24.81 1.68
CA ALA A 55 -11.15 24.07 2.92
C ALA A 55 -11.88 24.67 4.14
N TYR A 56 -12.90 25.54 3.94
CA TYR A 56 -13.67 26.14 5.04
C TYR A 56 -14.53 25.07 5.79
N ASP A 57 -15.08 24.10 5.06
CA ASP A 57 -15.87 23.02 5.63
C ASP A 57 -15.03 21.86 6.21
N TYR A 58 -13.71 22.04 6.38
CA TYR A 58 -12.78 21.03 6.96
C TYR A 58 -12.67 21.17 8.53
N PHE A 59 -12.74 22.43 9.03
CA PHE A 59 -12.55 22.82 10.44
C PHE A 59 -13.82 22.86 11.26
N GLY A 60 -13.67 22.83 12.60
CA GLY A 60 -14.75 23.02 13.58
C GLY A 60 -15.29 24.45 13.45
N LYS A 61 -16.62 24.64 13.68
CA LYS A 61 -17.27 25.93 13.47
C LYS A 61 -17.41 26.81 14.75
N THR A 62 -16.83 26.38 15.88
CA THR A 62 -16.92 27.08 17.16
C THR A 62 -15.54 27.54 17.61
N LEU A 63 -15.44 28.82 17.99
CA LEU A 63 -14.22 29.40 18.54
C LEU A 63 -14.34 29.44 20.07
N TYR A 64 -13.39 28.82 20.76
CA TYR A 64 -13.30 28.76 22.23
C TYR A 64 -12.28 29.78 22.67
N VAL A 65 -12.68 30.67 23.57
CA VAL A 65 -11.80 31.74 24.05
C VAL A 65 -11.71 31.66 25.56
N TYR A 66 -10.48 31.72 26.09
CA TYR A 66 -10.24 31.76 27.52
C TYR A 66 -9.48 33.02 27.82
N LEU A 67 -9.91 33.73 28.85
CA LEU A 67 -9.31 34.98 29.28
C LEU A 67 -8.87 34.89 30.76
N ASP A 68 -7.56 35.10 31.01
CA ASP A 68 -6.91 35.09 32.32
C ASP A 68 -6.54 36.54 32.69
N PRO A 69 -7.42 37.26 33.42
CA PRO A 69 -7.11 38.67 33.75
C PRO A 69 -5.93 38.88 34.69
N ALA A 70 -5.32 40.09 34.58
CA ALA A 70 -4.13 40.50 35.34
C ALA A 70 -4.36 40.48 36.85
N PHE A 71 -3.35 40.02 37.61
CA PHE A 71 -3.41 39.92 39.08
C PHE A 71 -2.05 40.22 39.75
N THR A 72 -2.02 41.22 40.66
CA THR A 72 -0.82 41.64 41.39
C THR A 72 -0.79 41.00 42.77
N ARG A 75 3.15 40.54 45.31
CA ARG A 75 3.89 41.81 45.22
C ARG A 75 4.08 42.27 43.77
N LYS A 76 4.32 41.32 42.86
CA LYS A 76 4.52 41.59 41.44
C LYS A 76 3.25 41.39 40.62
N ALA A 77 3.14 42.09 39.49
CA ALA A 77 1.97 42.01 38.62
C ALA A 77 2.13 41.09 37.40
N SER A 78 1.09 40.25 37.20
CA SER A 78 0.91 39.33 36.07
C SER A 78 0.12 40.12 35.02
N GLY A 79 0.16 39.67 33.78
CA GLY A 79 -0.56 40.32 32.69
C GLY A 79 -1.89 39.66 32.38
N THR A 80 -2.58 40.17 31.36
CA THR A 80 -3.84 39.56 30.92
C THR A 80 -3.55 38.68 29.72
N GLY A 81 -3.87 37.39 29.86
CA GLY A 81 -3.67 36.37 28.84
C GLY A 81 -4.97 35.98 28.17
N VAL A 82 -4.96 35.96 26.81
CA VAL A 82 -6.13 35.61 26.00
C VAL A 82 -5.72 34.61 24.92
N ALA A 83 -6.52 33.54 24.75
CA ALA A 83 -6.26 32.53 23.71
C ALA A 83 -7.58 32.15 23.06
N ALA A 84 -7.57 32.08 21.70
CA ALA A 84 -8.68 31.73 20.84
C ALA A 84 -8.29 30.44 20.13
N VAL A 85 -8.95 29.30 20.52
CA VAL A 85 -8.65 27.98 19.93
C VAL A 85 -9.87 27.42 19.21
N GLY A 86 -9.64 26.47 18.32
CA GLY A 86 -10.67 25.76 17.58
C GLY A 86 -10.31 24.30 17.31
N ALA A 87 -11.23 23.57 16.70
CA ALA A 87 -11.01 22.17 16.43
C ALA A 87 -10.79 21.84 14.96
N TYR A 88 -9.96 20.85 14.73
CA TYR A 88 -9.82 20.23 13.44
C TYR A 88 -9.84 18.78 13.81
N ARG A 89 -10.97 18.12 13.54
CA ARG A 89 -11.19 16.72 13.91
C ARG A 89 -10.91 16.52 15.42
N HIS A 90 -10.00 15.62 15.81
CA HIS A 90 -9.67 15.38 17.22
C HIS A 90 -8.46 16.20 17.68
N GLN A 91 -8.08 17.19 16.86
CA GLN A 91 -6.97 18.07 17.18
C GLN A 91 -7.42 19.54 17.40
N PHE A 92 -6.48 20.39 17.88
CA PHE A 92 -6.76 21.79 18.17
C PHE A 92 -5.84 22.71 17.43
N LEU A 93 -6.35 23.86 17.04
CA LEU A 93 -5.51 24.85 16.42
C LEU A 93 -5.74 26.21 17.08
N ILE A 94 -4.64 26.92 17.32
CA ILE A 94 -4.64 28.24 17.93
C ILE A 94 -4.83 29.27 16.80
N TYR A 95 -5.91 30.09 16.93
CA TYR A 95 -6.26 31.14 16.00
C TYR A 95 -5.77 32.54 16.44
N GLY A 96 -5.77 32.79 17.75
CA GLY A 96 -5.41 34.10 18.29
C GLY A 96 -4.79 34.04 19.66
N LEU A 97 -3.87 34.96 19.93
CA LEU A 97 -3.14 35.03 21.19
C LEU A 97 -2.94 36.48 21.58
N GLU A 98 -3.22 36.83 22.85
CA GLU A 98 -2.96 38.19 23.34
C GLU A 98 -2.34 38.14 24.72
N HIS A 99 -1.25 38.89 24.93
CA HIS A 99 -0.60 39.01 26.23
C HIS A 99 -0.26 40.46 26.47
N PHE A 100 -0.84 41.08 27.48
CA PHE A 100 -0.54 42.48 27.75
C PHE A 100 -0.58 42.86 29.22
N PHE A 101 0.19 43.90 29.56
CA PHE A 101 0.29 44.42 30.92
C PHE A 101 -0.24 45.86 30.95
N LEU A 102 -1.04 46.22 31.99
CA LEU A 102 -1.62 47.55 32.10
C LEU A 102 -0.75 48.55 32.90
N ARG A 103 -0.88 49.87 32.61
CA ARG A 103 -0.15 50.98 33.26
C ARG A 103 -0.90 51.59 34.47
N ASP A 104 -2.23 51.35 34.54
CA ASP A 104 -3.16 51.77 35.60
C ASP A 104 -4.26 50.69 35.68
N LEU A 105 -4.49 50.09 36.88
CA LEU A 105 -5.46 48.99 37.07
C LEU A 105 -6.72 49.39 37.87
N SER A 106 -7.32 50.55 37.54
CA SER A 106 -8.51 51.05 38.23
C SER A 106 -9.74 51.29 37.30
N GLU A 107 -10.53 50.21 37.02
CA GLU A 107 -11.79 50.14 36.23
C GLU A 107 -11.65 50.48 34.74
N SER A 108 -10.69 51.38 34.41
CA SER A 108 -10.34 51.79 33.05
C SER A 108 -9.68 50.60 32.34
N SER A 109 -8.98 49.76 33.13
CA SER A 109 -8.29 48.54 32.72
C SER A 109 -9.29 47.47 32.27
N GLU A 110 -10.51 47.45 32.87
CA GLU A 110 -11.57 46.50 32.51
C GLU A 110 -12.01 46.70 31.08
N VAL A 111 -12.14 47.98 30.68
CA VAL A 111 -12.50 48.39 29.32
C VAL A 111 -11.35 48.00 28.38
N ALA A 112 -10.09 48.26 28.80
CA ALA A 112 -8.87 47.96 28.07
C ALA A 112 -8.70 46.46 27.82
N ILE A 113 -8.96 45.61 28.85
CA ILE A 113 -8.87 44.14 28.75
C ILE A 113 -9.92 43.65 27.75
N ALA A 114 -11.18 44.04 27.95
CA ALA A 114 -12.31 43.66 27.12
C ALA A 114 -12.14 44.06 25.67
N GLU A 115 -11.71 45.30 25.40
CA GLU A 115 -11.49 45.80 24.04
C GLU A 115 -10.36 45.03 23.36
N CYS A 116 -9.31 44.70 24.12
CA CYS A 116 -8.17 43.96 23.59
C CYS A 116 -8.56 42.55 23.13
N ALA A 117 -9.33 41.84 23.96
CA ALA A 117 -9.86 40.52 23.70
C ALA A 117 -10.86 40.56 22.53
N ALA A 118 -11.78 41.55 22.54
CA ALA A 118 -12.79 41.74 21.48
C ALA A 118 -12.15 42.01 20.11
N HIS A 119 -11.08 42.84 20.06
CA HIS A 119 -10.37 43.17 18.83
C HIS A 119 -9.78 41.93 18.18
N MET A 120 -9.19 41.03 18.98
CA MET A 120 -8.60 39.78 18.51
C MET A 120 -9.68 38.85 17.96
N ILE A 121 -10.76 38.63 18.73
CA ILE A 121 -11.90 37.78 18.33
C ILE A 121 -12.47 38.27 16.99
N ILE A 122 -12.76 39.58 16.87
CA ILE A 122 -13.32 40.17 15.65
C ILE A 122 -12.42 39.88 14.45
N SER A 123 -11.10 40.03 14.60
CA SER A 123 -10.15 39.76 13.53
C SER A 123 -10.12 38.28 13.14
N VAL A 124 -10.18 37.38 14.13
CA VAL A 124 -10.20 35.96 13.84
C VAL A 124 -11.47 35.59 13.05
N LEU A 125 -12.63 36.13 13.45
CA LEU A 125 -13.90 35.85 12.79
C LEU A 125 -13.94 36.40 11.36
N SER A 126 -13.28 37.55 11.13
CA SER A 126 -13.20 38.17 9.81
C SER A 126 -12.44 37.31 8.82
N LEU A 127 -11.36 36.65 9.28
CA LEU A 127 -10.56 35.76 8.44
C LEU A 127 -11.18 34.36 8.25
N HIS A 128 -11.98 33.90 9.22
CA HIS A 128 -12.57 32.56 9.21
C HIS A 128 -14.11 32.63 9.20
N PRO A 129 -14.73 32.82 8.02
CA PRO A 129 -16.20 32.94 7.98
C PRO A 129 -16.97 31.66 8.37
N TYR A 130 -16.28 30.50 8.46
CA TYR A 130 -16.89 29.24 8.87
C TYR A 130 -17.22 29.21 10.36
N LEU A 131 -16.52 30.04 11.18
CA LEU A 131 -16.80 30.13 12.64
C LEU A 131 -18.15 30.81 12.81
N ASP A 132 -19.11 30.11 13.42
CA ASP A 132 -20.50 30.54 13.61
C ASP A 132 -20.95 30.56 15.07
N GLU A 133 -20.06 30.15 15.98
CA GLU A 133 -20.35 30.18 17.41
C GLU A 133 -19.08 30.60 18.12
N LEU A 134 -19.27 31.27 19.24
CA LEU A 134 -18.22 31.78 20.07
C LEU A 134 -18.53 31.37 21.52
N ARG A 135 -17.59 30.61 22.14
CA ARG A 135 -17.71 30.14 23.53
C ARG A 135 -16.59 30.74 24.35
N ILE A 136 -16.92 31.67 25.24
CA ILE A 136 -15.93 32.42 26.02
C ILE A 136 -15.98 32.06 27.50
N ALA A 137 -14.79 31.93 28.14
CA ALA A 137 -14.64 31.70 29.56
C ALA A 137 -13.74 32.79 30.11
N VAL A 138 -14.27 33.61 31.04
CA VAL A 138 -13.52 34.67 31.69
C VAL A 138 -13.23 34.20 33.11
N GLU A 139 -11.94 34.11 33.47
CA GLU A 139 -11.53 33.66 34.80
C GLU A 139 -11.91 34.70 35.88
N GLY A 140 -12.74 34.30 36.84
CA GLY A 140 -13.23 35.20 37.88
C GLY A 140 -12.73 34.99 39.29
N ASN A 141 -11.57 34.32 39.44
CA ASN A 141 -10.93 34.01 40.72
C ASN A 141 -10.46 35.25 41.45
N THR A 142 -9.67 36.09 40.76
CA THR A 142 -9.07 37.36 41.20
C THR A 142 -10.15 38.36 41.73
N ASN A 143 -11.28 38.51 40.98
CA ASN A 143 -12.42 39.41 41.24
C ASN A 143 -13.61 38.93 40.41
N GLN A 144 -14.64 38.40 41.07
CA GLN A 144 -15.86 37.87 40.42
C GLN A 144 -16.67 38.95 39.70
N ALA A 145 -16.88 40.10 40.37
CA ALA A 145 -17.63 41.25 39.85
C ALA A 145 -16.97 41.85 38.59
N ALA A 146 -15.62 42.01 38.59
CA ALA A 146 -14.89 42.56 37.46
C ALA A 146 -14.96 41.62 36.26
N ALA A 147 -14.94 40.28 36.50
CA ALA A 147 -15.04 39.25 35.45
C ALA A 147 -16.39 39.35 34.72
N VAL A 148 -17.49 39.54 35.48
CA VAL A 148 -18.84 39.69 34.91
C VAL A 148 -18.92 40.98 34.06
N ARG A 149 -18.26 42.07 34.51
CA ARG A 149 -18.19 43.33 33.79
C ARG A 149 -17.42 43.17 32.47
N ILE A 150 -16.26 42.47 32.51
CA ILE A 150 -15.44 42.20 31.33
C ILE A 150 -16.26 41.37 30.31
N ALA A 151 -16.96 40.32 30.78
CA ALA A 151 -17.75 39.44 29.92
C ALA A 151 -18.76 40.23 29.10
N CYS A 152 -19.48 41.13 29.78
CA CYS A 152 -20.50 42.03 29.25
C CYS A 152 -19.94 42.99 28.23
N LEU A 153 -18.74 43.54 28.51
CA LEU A 153 -18.03 44.45 27.65
C LEU A 153 -17.60 43.78 26.33
N ILE A 154 -17.11 42.52 26.39
CA ILE A 154 -16.71 41.74 25.22
C ILE A 154 -17.97 41.47 24.37
N ARG A 155 -19.06 41.01 25.02
CA ARG A 155 -20.34 40.69 24.37
C ARG A 155 -20.90 41.89 23.60
N GLN A 156 -20.87 43.08 24.21
CA GLN A 156 -21.34 44.30 23.57
C GLN A 156 -20.42 44.72 22.39
N SER A 157 -19.09 44.47 22.46
CA SER A 157 -18.16 44.87 21.41
C SER A 157 -18.26 43.98 20.20
N VAL A 158 -18.28 42.66 20.46
CA VAL A 158 -18.36 41.64 19.42
C VAL A 158 -19.72 41.73 18.71
N GLN A 159 -20.78 41.98 19.47
CA GLN A 159 -22.10 42.06 18.85
C GLN A 159 -22.33 43.37 18.09
N SER A 160 -21.56 44.43 18.36
CA SER A 160 -21.66 45.69 17.62
C SER A 160 -21.00 45.51 16.25
N SER A 161 -19.91 44.71 16.20
CA SER A 161 -19.08 44.47 15.02
C SER A 161 -19.55 43.38 14.11
N THR A 162 -20.08 42.28 14.65
CA THR A 162 -20.45 41.11 13.86
C THR A 162 -21.72 40.43 14.37
N LEU A 163 -22.43 39.71 13.49
CA LEU A 163 -23.61 38.92 13.86
C LEU A 163 -23.16 37.48 14.12
N ILE A 164 -23.00 37.14 15.40
CA ILE A 164 -22.52 35.81 15.81
C ILE A 164 -23.23 35.35 17.12
N ARG A 165 -23.40 34.02 17.30
CA ARG A 165 -23.94 33.42 18.54
C ARG A 165 -22.80 33.48 19.56
N VAL A 166 -23.05 34.09 20.73
CA VAL A 166 -22.05 34.27 21.78
C VAL A 166 -22.54 33.60 23.08
N LEU A 167 -21.76 32.62 23.58
CA LEU A 167 -22.05 31.89 24.82
C LEU A 167 -20.90 32.07 25.79
N PHE A 168 -21.23 32.20 27.08
CA PHE A 168 -20.26 32.38 28.15
C PHE A 168 -20.32 31.23 29.14
N TYR A 169 -19.16 30.88 29.75
CA TYR A 169 -19.12 29.83 30.76
C TYR A 169 -19.77 30.44 32.00
N HIS A 170 -20.76 29.73 32.55
CA HIS A 170 -21.50 30.16 33.73
C HIS A 170 -21.23 29.28 34.93
N THR A 171 -20.89 29.90 36.08
CA THR A 171 -20.66 29.24 37.39
C THR A 171 -21.71 29.80 38.38
N PRO A 172 -22.32 28.96 39.24
CA PRO A 172 -23.25 29.51 40.25
C PRO A 172 -22.50 30.17 41.43
N ASP A 173 -22.86 31.44 41.71
CA ASP A 173 -22.30 32.30 42.79
C ASP A 173 -22.77 31.89 44.21
N GLN A 174 -22.30 32.63 45.26
CA GLN A 174 -22.61 32.41 46.68
C GLN A 174 -24.13 32.39 46.96
N ASN A 175 -24.90 33.18 46.17
CA ASN A 175 -26.36 33.28 46.28
C ASN A 175 -27.13 32.30 45.34
N HIS A 176 -26.37 31.45 44.60
CA HIS A 176 -26.82 30.38 43.68
C HIS A 176 -27.23 30.88 42.27
N ILE A 177 -27.21 32.21 42.03
CA ILE A 177 -27.51 32.77 40.71
C ILE A 177 -26.33 32.50 39.77
N GLU A 178 -26.59 31.91 38.57
CA GLU A 178 -25.53 31.60 37.58
C GLU A 178 -24.95 32.89 36.99
N GLN A 179 -23.62 33.07 37.12
CA GLN A 179 -22.93 34.25 36.63
C GLN A 179 -21.95 33.93 35.50
N PRO A 180 -21.75 34.82 34.50
CA PRO A 180 -20.84 34.50 33.39
C PRO A 180 -19.34 34.60 33.69
N PHE A 181 -18.83 33.72 34.57
CA PHE A 181 -17.40 33.62 34.87
C PHE A 181 -16.99 32.16 35.14
N TYR A 182 -15.70 31.87 34.96
CA TYR A 182 -15.11 30.55 35.21
C TYR A 182 -14.28 30.65 36.49
N LEU A 183 -14.42 29.64 37.37
CA LEU A 183 -13.59 29.59 38.57
C LEU A 183 -12.59 28.45 38.50
N MET A 184 -11.32 28.79 38.59
CA MET A 184 -10.26 27.81 38.57
C MET A 184 -10.02 27.23 39.96
N GLY A 185 -9.73 25.94 39.99
CA GLY A 185 -9.45 25.20 41.21
C GLY A 185 -8.50 24.05 40.97
N ARG A 186 -8.85 22.88 41.57
CA ARG A 186 -8.08 21.62 41.48
C ARG A 186 -7.91 21.17 40.03
N ASP A 187 -8.98 21.36 39.19
CA ASP A 187 -9.05 21.00 37.76
C ASP A 187 -7.89 21.52 36.91
N LYS A 188 -7.15 22.54 37.41
CA LYS A 188 -5.99 23.15 36.72
C LYS A 188 -4.92 22.08 36.50
N ALA A 189 -4.72 21.19 37.49
CA ALA A 189 -3.76 20.09 37.41
C ALA A 189 -4.12 19.15 36.25
N LEU A 190 -5.43 18.84 36.10
CA LEU A 190 -5.98 17.97 35.06
C LEU A 190 -5.79 18.59 33.68
N ALA A 191 -6.11 19.89 33.54
CA ALA A 191 -5.96 20.66 32.30
C ALA A 191 -4.49 20.72 31.85
N VAL A 192 -3.53 20.94 32.77
CA VAL A 192 -2.10 20.97 32.44
C VAL A 192 -1.65 19.59 31.96
N GLU A 193 -2.05 18.53 32.69
CA GLU A 193 -1.72 17.14 32.36
C GLU A 193 -2.20 16.78 30.96
N GLN A 194 -3.49 17.09 30.66
CA GLN A 194 -4.15 16.84 29.38
C GLN A 194 -3.38 17.52 28.26
N PHE A 195 -3.01 18.80 28.46
CA PHE A 195 -2.24 19.63 27.53
C PHE A 195 -0.91 19.02 27.22
N ILE A 196 -0.10 18.72 28.24
CA ILE A 196 1.23 18.11 28.07
C ILE A 196 1.18 16.89 27.13
N SER A 197 0.22 15.96 27.36
CA SER A 197 -0.03 14.76 26.54
C SER A 197 -0.44 15.09 25.08
N ARG A 198 -1.40 16.03 24.88
CA ARG A 198 -1.85 16.48 23.55
C ARG A 198 -0.72 17.20 22.79
N PHE A 199 -0.04 18.17 23.44
CA PHE A 199 1.08 18.89 22.87
C PHE A 199 2.18 17.94 22.41
N ASN A 200 2.57 16.98 23.25
CA ASN A 200 3.62 16.01 22.90
C ASN A 200 3.23 15.08 21.76
N SER A 201 1.92 14.81 21.58
CA SER A 201 1.39 13.95 20.53
C SER A 201 1.24 14.71 19.21
N GLY A 202 1.37 16.03 19.28
CA GLY A 202 1.20 16.95 18.17
C GLY A 202 -0.25 17.29 17.88
N TYR A 203 -1.11 17.21 18.90
CA TYR A 203 -2.53 17.48 18.69
C TYR A 203 -2.88 18.98 18.85
N ILE A 204 -1.87 19.83 19.21
CA ILE A 204 -2.02 21.29 19.34
C ILE A 204 -1.12 21.96 18.31
N LYS A 205 -1.74 22.67 17.39
CA LYS A 205 -1.04 23.35 16.31
C LYS A 205 -1.48 24.81 16.23
N ALA A 206 -0.65 25.63 15.57
CA ALA A 206 -0.90 27.04 15.35
C ALA A 206 -1.48 27.22 13.93
N SER A 207 -2.18 28.33 13.73
CA SER A 207 -2.70 28.75 12.45
C SER A 207 -1.61 29.60 11.78
N GLN A 208 -1.44 29.55 10.45
CA GLN A 208 -0.39 30.46 9.93
C GLN A 208 -0.91 31.91 9.78
N GLU A 209 -2.23 32.11 9.96
CA GLU A 209 -2.87 33.43 10.01
C GLU A 209 -3.33 33.71 11.48
N LEU A 210 -2.43 33.39 12.45
CA LEU A 210 -2.63 33.61 13.88
C LEU A 210 -2.62 35.11 14.16
N VAL A 211 -3.68 35.63 14.77
CA VAL A 211 -3.91 37.05 15.13
C VAL A 211 -3.30 37.36 16.50
N SER A 212 -2.52 38.45 16.55
CA SER A 212 -1.97 39.01 17.77
C SER A 212 -1.62 40.46 17.59
N TYR A 213 -2.36 41.34 18.25
CA TYR A 213 -2.08 42.76 18.20
C TYR A 213 -1.06 43.19 19.26
N THR A 214 -1.05 42.50 20.41
CA THR A 214 -0.16 42.80 21.54
C THR A 214 1.25 42.23 21.39
N ILE A 215 1.39 41.03 20.75
CA ILE A 215 2.70 40.38 20.56
C ILE A 215 3.27 40.86 19.21
N LYS A 216 4.10 40.09 18.47
CA LYS A 216 4.71 40.52 17.19
C LYS A 216 5.54 41.85 17.29
N LEU A 217 5.72 42.37 18.53
CA LEU A 217 6.48 43.59 18.87
C LEU A 217 7.96 43.19 19.11
N SER A 218 8.67 42.84 18.00
CA SER A 218 10.05 42.32 17.89
C SER A 218 10.10 40.82 18.29
N HIS A 219 8.98 40.10 18.03
CA HIS A 219 8.76 38.67 18.29
C HIS A 219 7.92 38.05 17.17
N ASP A 220 7.81 36.71 17.22
CA ASP A 220 6.93 35.86 16.43
C ASP A 220 5.99 35.32 17.53
N PRO A 221 4.64 35.39 17.37
CA PRO A 221 3.74 34.97 18.45
C PRO A 221 3.94 33.54 18.94
N ILE A 222 4.33 32.60 18.03
CA ILE A 222 4.63 31.19 18.35
C ILE A 222 5.90 31.08 19.19
N GLU A 223 7.00 31.68 18.73
CA GLU A 223 8.28 31.70 19.45
C GLU A 223 8.08 32.24 20.86
N TYR A 224 7.19 33.25 21.00
CA TYR A 224 6.83 33.86 22.29
C TYR A 224 6.14 32.84 23.19
N LEU A 225 5.10 32.14 22.66
CA LEU A 225 4.35 31.10 23.36
C LEU A 225 5.24 29.93 23.75
N LEU A 226 6.15 29.52 22.84
CA LEU A 226 7.08 28.42 23.09
C LEU A 226 7.94 28.70 24.30
N GLU A 227 8.40 29.96 24.51
CA GLU A 227 9.17 30.36 25.70
C GLU A 227 8.38 30.07 27.00
N GLN A 228 7.07 30.34 27.03
CA GLN A 228 6.21 30.03 28.19
C GLN A 228 6.05 28.53 28.39
N ILE A 229 5.99 27.76 27.25
CA ILE A 229 5.88 26.29 27.23
C ILE A 229 7.12 25.64 27.88
N GLN A 230 8.33 26.15 27.55
CA GLN A 230 9.61 25.65 28.06
C GLN A 230 9.75 25.86 29.59
N ASN A 231 8.99 26.81 30.16
CA ASN A 231 9.06 27.11 31.59
C ASN A 231 7.94 26.45 32.41
N LEU A 232 7.09 25.66 31.75
CA LEU A 232 5.98 24.96 32.38
C LEU A 232 6.47 23.94 33.40
N HIS A 233 6.05 24.13 34.67
CA HIS A 233 6.48 23.30 35.80
C HIS A 233 5.35 22.49 36.48
N ARG A 234 5.79 21.56 37.37
CA ARG A 234 4.96 20.66 38.18
C ARG A 234 5.28 20.84 39.67
N SER A 254 6.33 34.86 33.65
CA SER A 254 4.95 35.07 33.19
C SER A 254 4.42 33.82 32.51
N ASP A 255 3.16 33.45 32.82
CA ASP A 255 2.53 32.21 32.34
C ASP A 255 1.11 32.40 31.83
N ASP A 256 0.57 33.61 31.94
CA ASP A 256 -0.79 33.98 31.58
C ASP A 256 -1.23 33.52 30.19
N LEU A 257 -0.31 33.52 29.21
CA LEU A 257 -0.63 33.12 27.84
C LEU A 257 -0.77 31.61 27.72
N ILE A 258 0.21 30.84 28.25
CA ILE A 258 0.13 29.39 28.19
C ILE A 258 -1.09 28.87 29.00
N ILE A 259 -1.39 29.47 30.17
CA ILE A 259 -2.56 29.10 30.99
C ILE A 259 -3.84 29.27 30.16
N ALA A 260 -3.95 30.38 29.39
CA ALA A 260 -5.08 30.63 28.50
C ALA A 260 -5.17 29.56 27.40
N VAL A 261 -4.03 29.12 26.83
CA VAL A 261 -4.01 28.09 25.79
C VAL A 261 -4.45 26.74 26.37
N ILE A 262 -3.85 26.33 27.50
CA ILE A 262 -4.17 25.11 28.24
C ILE A 262 -5.69 25.06 28.55
N MET A 263 -6.25 26.15 29.12
CA MET A 263 -7.64 26.23 29.53
C MET A 263 -8.62 26.27 28.40
N ALA A 264 -8.32 27.00 27.29
CA ALA A 264 -9.19 27.08 26.11
C ALA A 264 -9.32 25.72 25.44
N THR A 265 -8.23 24.94 25.39
CA THR A 265 -8.26 23.60 24.81
C THR A 265 -8.92 22.60 25.76
N TYR A 266 -8.87 22.86 27.07
CA TYR A 266 -9.50 22.04 28.09
C TYR A 266 -11.02 22.18 28.05
N LEU A 267 -11.52 23.42 27.89
CA LEU A 267 -12.96 23.73 27.84
C LEU A 267 -13.63 23.35 26.51
N CYS A 268 -12.86 22.83 25.54
CA CYS A 268 -13.34 22.33 24.25
C CYS A 268 -14.24 21.12 24.40
N ASP A 269 -13.98 20.29 25.43
CA ASP A 269 -14.65 19.05 25.75
C ASP A 269 -16.17 19.17 25.82
N ASP A 270 -16.86 18.09 25.41
CA ASP A 270 -18.33 17.98 25.46
C ASP A 270 -18.81 18.05 26.90
N ILE A 271 -18.00 17.55 27.85
CA ILE A 271 -18.27 17.50 29.30
C ILE A 271 -18.60 18.90 29.89
N HIS A 272 -18.08 19.97 29.26
CA HIS A 272 -18.26 21.37 29.71
C HIS A 272 -19.35 22.12 28.98
N ALA A 273 -19.81 21.59 27.82
CA ALA A 273 -20.78 22.23 26.93
C ALA A 273 -22.04 22.77 27.60
N ILE A 274 -22.55 22.07 28.63
CA ILE A 274 -23.75 22.47 29.37
C ILE A 274 -23.56 23.80 30.16
N ARG A 275 -22.28 24.16 30.46
CA ARG A 275 -21.93 25.34 31.26
C ARG A 275 -21.94 26.61 30.44
N PHE A 276 -21.92 26.48 29.11
CA PHE A 276 -21.96 27.61 28.19
C PHE A 276 -23.40 27.97 27.88
N ARG A 277 -23.75 29.24 28.17
CA ARG A 277 -25.09 29.80 28.03
C ARG A 277 -25.02 31.22 27.47
N VAL A 278 -26.14 31.74 26.92
CA VAL A 278 -26.22 33.13 26.46
C VAL A 278 -26.23 34.03 27.71
N SER A 279 -25.38 35.09 27.71
CA SER A 279 -25.31 36.02 28.86
C SER A 279 -26.19 37.25 28.63
N VAL B 33 -12.22 5.80 -1.19
CA VAL B 33 -12.10 4.34 -1.09
C VAL B 33 -10.65 3.86 -1.21
N LEU B 34 -9.79 4.59 -1.96
CA LEU B 34 -8.38 4.19 -2.11
C LEU B 34 -7.49 5.11 -1.29
N ILE B 35 -7.74 6.43 -1.39
CA ILE B 35 -7.09 7.50 -0.65
C ILE B 35 -8.16 8.10 0.28
N THR B 36 -7.85 8.17 1.60
CA THR B 36 -8.79 8.70 2.60
C THR B 36 -8.99 10.22 2.48
N ASP B 37 -10.18 10.69 2.84
CA ASP B 37 -10.50 12.10 2.81
C ASP B 37 -9.67 12.90 3.81
N GLN B 38 -9.41 12.35 5.01
CA GLN B 38 -8.56 12.98 6.02
C GLN B 38 -7.12 13.22 5.50
N SER B 39 -6.52 12.23 4.81
CA SER B 39 -5.16 12.35 4.27
C SER B 39 -5.11 13.44 3.19
N ARG B 40 -6.14 13.50 2.34
CA ARG B 40 -6.28 14.52 1.31
C ARG B 40 -6.37 15.93 1.95
N GLU B 41 -7.20 16.08 2.99
CA GLU B 41 -7.43 17.29 3.77
C GLU B 41 -6.13 17.75 4.42
N GLU B 42 -5.42 16.85 5.17
CA GLU B 42 -4.16 17.16 5.86
C GLU B 42 -3.03 17.51 4.90
N PHE B 43 -3.06 16.95 3.68
CA PHE B 43 -2.06 17.22 2.64
C PHE B 43 -2.17 18.67 2.18
N ASP B 44 -3.41 19.16 2.13
CA ASP B 44 -3.74 20.51 1.72
C ASP B 44 -3.48 21.57 2.83
N ILE B 45 -4.00 21.32 4.07
CA ILE B 45 -3.93 22.29 5.17
C ILE B 45 -2.67 22.21 6.05
N LEU B 46 -1.92 21.09 6.02
CA LEU B 46 -0.69 20.98 6.81
C LEU B 46 0.54 20.78 5.93
N ARG B 47 1.32 21.87 5.81
CA ARG B 47 2.53 21.94 4.98
C ARG B 47 3.71 22.47 5.78
N TYR B 48 4.89 21.88 5.53
CA TYR B 48 6.12 22.24 6.22
C TYR B 48 6.68 23.56 5.80
N SER B 49 6.92 24.45 6.75
CA SER B 49 7.51 25.74 6.43
C SER B 49 8.95 25.64 6.89
N THR B 50 9.84 25.29 5.96
CA THR B 50 11.26 25.08 6.28
C THR B 50 11.99 26.39 6.55
N LEU B 51 11.48 27.50 5.98
CA LEU B 51 12.08 28.82 6.20
C LEU B 51 11.88 29.26 7.66
N ASN B 52 10.88 28.69 8.35
CA ASN B 52 10.59 28.93 9.77
C ASN B 52 11.69 28.43 10.70
N THR B 53 12.54 27.50 10.22
CA THR B 53 13.63 26.96 11.02
C THR B 53 15.03 27.29 10.46
N ASN B 54 16.04 27.10 11.32
CA ASN B 54 17.46 27.20 10.99
C ASN B 54 18.14 25.90 11.44
N ALA B 55 17.41 25.06 12.22
CA ALA B 55 17.84 23.75 12.69
C ALA B 55 17.46 22.71 11.63
N TYR B 56 18.46 22.29 10.84
CA TYR B 56 18.25 21.34 9.75
C TYR B 56 18.68 19.92 10.14
N ASP B 57 18.79 19.71 11.45
CA ASP B 57 19.21 18.47 12.10
C ASP B 57 18.45 17.21 11.67
N TYR B 58 17.14 17.31 11.35
CA TYR B 58 16.40 16.11 11.01
C TYR B 58 15.96 16.08 9.54
N PHE B 59 16.46 17.06 8.75
CA PHE B 59 16.20 17.17 7.33
C PHE B 59 17.24 16.40 6.54
N GLY B 60 16.78 15.68 5.52
CA GLY B 60 17.63 14.99 4.57
C GLY B 60 18.34 16.03 3.70
N LYS B 61 19.63 15.77 3.38
CA LYS B 61 20.45 16.71 2.61
C LYS B 61 20.51 16.41 1.07
N THR B 62 19.74 15.43 0.61
CA THR B 62 19.72 15.03 -0.79
C THR B 62 18.35 15.28 -1.41
N LEU B 63 18.34 15.93 -2.58
CA LEU B 63 17.12 16.21 -3.35
C LEU B 63 16.99 15.16 -4.45
N TYR B 64 15.85 14.43 -4.46
CA TYR B 64 15.54 13.38 -5.44
C TYR B 64 14.61 13.97 -6.47
N VAL B 65 14.96 13.88 -7.73
CA VAL B 65 14.16 14.44 -8.81
C VAL B 65 13.80 13.35 -9.80
N TYR B 66 12.53 13.27 -10.17
CA TYR B 66 12.09 12.35 -11.20
C TYR B 66 11.45 13.15 -12.30
N LEU B 67 11.82 12.83 -13.53
CA LEU B 67 11.29 13.49 -14.71
C LEU B 67 10.60 12.47 -15.66
N ASP B 68 9.29 12.70 -15.94
CA ASP B 68 8.46 11.89 -16.85
C ASP B 68 8.22 12.71 -18.13
N PRO B 69 9.07 12.54 -19.17
CA PRO B 69 8.93 13.38 -20.37
C PRO B 69 7.63 13.17 -21.16
N ALA B 70 7.22 14.22 -21.91
CA ALA B 70 6.03 14.25 -22.75
C ALA B 70 6.10 13.21 -23.85
N PHE B 71 4.94 12.61 -24.19
CA PHE B 71 4.85 11.58 -25.22
C PHE B 71 3.60 11.73 -26.10
N THR B 72 3.79 11.88 -27.45
CA THR B 72 2.71 12.04 -28.44
C THR B 72 2.20 10.70 -28.97
N LYS B 76 -3.65 12.68 -28.88
CA LYS B 76 -2.23 12.74 -29.21
C LYS B 76 -1.39 13.67 -28.29
N ALA B 77 -2.04 14.42 -27.37
CA ALA B 77 -1.40 15.41 -26.49
C ALA B 77 -1.10 14.96 -25.03
N SER B 78 0.21 15.00 -24.63
CA SER B 78 0.70 14.64 -23.26
C SER B 78 1.81 15.60 -22.72
N GLY B 79 1.86 15.77 -21.38
CA GLY B 79 2.81 16.67 -20.73
C GLY B 79 4.03 16.08 -20.05
N THR B 80 4.94 16.98 -19.61
CA THR B 80 6.16 16.61 -18.90
C THR B 80 5.95 16.89 -17.44
N GLY B 81 5.99 15.83 -16.63
CA GLY B 81 5.85 15.89 -15.18
C GLY B 81 7.20 15.82 -14.50
N VAL B 82 7.48 16.78 -13.61
CA VAL B 82 8.74 16.85 -12.84
C VAL B 82 8.40 16.99 -11.36
N ALA B 83 9.08 16.24 -10.49
CA ALA B 83 8.88 16.33 -9.02
C ALA B 83 10.22 16.26 -8.32
N ALA B 84 10.43 17.13 -7.32
CA ALA B 84 11.67 17.20 -6.50
C ALA B 84 11.30 16.99 -5.01
N VAL B 85 11.70 15.85 -4.45
CA VAL B 85 11.37 15.48 -3.08
C VAL B 85 12.62 15.31 -2.21
N GLY B 86 12.43 15.36 -0.90
CA GLY B 86 13.47 15.15 0.09
C GLY B 86 12.91 14.54 1.36
N ALA B 87 13.75 14.03 2.25
CA ALA B 87 13.26 13.44 3.50
C ALA B 87 13.25 14.43 4.63
N TYR B 88 12.29 14.28 5.50
CA TYR B 88 12.21 15.02 6.74
C TYR B 88 11.79 13.96 7.72
N ARG B 89 12.74 13.55 8.59
CA ARG B 89 12.52 12.48 9.55
C ARG B 89 12.05 11.23 8.79
N HIS B 90 10.95 10.59 9.25
CA HIS B 90 10.36 9.39 8.64
CA HIS B 90 10.43 9.39 8.58
C HIS B 90 9.34 9.73 7.54
N GLN B 91 9.39 10.96 6.97
CA GLN B 91 8.47 11.48 5.95
C GLN B 91 9.18 12.01 4.71
N PHE B 92 8.39 12.33 3.67
CA PHE B 92 8.85 12.91 2.41
C PHE B 92 8.22 14.26 2.18
N LEU B 93 9.04 15.21 1.76
CA LEU B 93 8.67 16.59 1.48
C LEU B 93 8.71 16.89 -0.01
N ILE B 94 7.59 17.36 -0.56
CA ILE B 94 7.58 17.81 -1.95
C ILE B 94 8.07 19.26 -1.97
N TYR B 95 9.24 19.47 -2.56
CA TYR B 95 9.89 20.78 -2.69
C TYR B 95 9.52 21.50 -4.01
N GLY B 96 9.37 20.75 -5.08
CA GLY B 96 9.07 21.33 -6.38
C GLY B 96 8.19 20.46 -7.24
N LEU B 97 7.39 21.09 -8.11
CA LEU B 97 6.49 20.40 -9.03
C LEU B 97 6.43 21.16 -10.33
N GLU B 98 6.54 20.48 -11.47
CA GLU B 98 6.39 21.13 -12.76
C GLU B 98 5.55 20.26 -13.68
N HIS B 99 4.53 20.84 -14.33
CA HIS B 99 3.70 20.14 -15.31
C HIS B 99 3.64 21.01 -16.52
N PHE B 100 4.59 20.71 -17.41
CA PHE B 100 5.00 21.37 -18.65
C PHE B 100 4.31 20.80 -19.93
N PHE B 101 3.62 21.68 -20.68
CA PHE B 101 2.97 21.38 -21.96
C PHE B 101 3.56 22.32 -23.04
N LEU B 102 4.53 21.82 -23.83
CA LEU B 102 5.20 22.60 -24.88
C LEU B 102 4.19 22.92 -26.02
N ARG B 103 4.26 24.15 -26.60
CA ARG B 103 3.38 24.61 -27.68
C ARG B 103 4.06 25.66 -28.59
N SER B 106 10.79 16.59 -32.64
CA SER B 106 10.96 17.73 -31.75
C SER B 106 12.23 17.58 -30.88
N GLU B 107 13.26 18.42 -31.18
CA GLU B 107 14.57 18.51 -30.50
C GLU B 107 14.71 19.84 -29.71
N SER B 108 13.95 20.90 -30.12
CA SER B 108 13.88 22.20 -29.47
C SER B 108 13.17 22.02 -28.12
N SER B 109 12.23 21.05 -28.07
CA SER B 109 11.46 20.64 -26.90
C SER B 109 12.36 20.02 -25.83
N GLU B 110 13.45 19.33 -26.26
CA GLU B 110 14.40 18.71 -25.33
C GLU B 110 15.08 19.75 -24.47
N VAL B 111 15.45 20.88 -25.09
CA VAL B 111 16.06 22.03 -24.45
C VAL B 111 15.02 22.67 -23.49
N ALA B 112 13.76 22.81 -23.96
CA ALA B 112 12.63 23.35 -23.20
C ALA B 112 12.30 22.52 -21.96
N ILE B 113 12.29 21.18 -22.08
CA ILE B 113 12.02 20.25 -20.95
C ILE B 113 13.13 20.40 -19.91
N ALA B 114 14.39 20.27 -20.36
CA ALA B 114 15.57 20.36 -19.53
C ALA B 114 15.69 21.69 -18.77
N GLU B 115 15.45 22.82 -19.47
CA GLU B 115 15.52 24.16 -18.87
C GLU B 115 14.42 24.33 -17.81
N CYS B 116 13.24 23.78 -18.08
CA CYS B 116 12.11 23.86 -17.18
C CYS B 116 12.42 23.15 -15.83
N ALA B 117 12.95 21.92 -15.92
CA ALA B 117 13.36 21.08 -14.78
C ALA B 117 14.55 21.74 -14.04
N ALA B 118 15.56 22.24 -14.78
CA ALA B 118 16.73 22.91 -14.20
C ALA B 118 16.37 24.19 -13.41
N HIS B 119 15.43 24.99 -13.94
CA HIS B 119 14.99 26.23 -13.29
C HIS B 119 14.36 25.95 -11.93
N MET B 120 13.52 24.90 -11.84
CA MET B 120 12.86 24.48 -10.63
C MET B 120 13.89 24.01 -9.58
N ILE B 121 14.81 23.09 -9.98
CA ILE B 121 15.89 22.57 -9.13
C ILE B 121 16.72 23.73 -8.53
N ILE B 122 17.21 24.64 -9.39
CA ILE B 122 18.01 25.78 -8.95
C ILE B 122 17.27 26.61 -7.88
N SER B 123 15.97 26.89 -8.09
CA SER B 123 15.18 27.66 -7.12
C SER B 123 15.00 26.92 -5.79
N VAL B 124 14.79 25.57 -5.85
CA VAL B 124 14.65 24.75 -4.65
C VAL B 124 15.97 24.81 -3.84
N LEU B 125 17.13 24.70 -4.52
CA LEU B 125 18.43 24.71 -3.84
C LEU B 125 18.72 26.05 -3.19
N SER B 126 18.28 27.13 -3.85
CA SER B 126 18.47 28.50 -3.37
C SER B 126 17.76 28.72 -2.04
N LEU B 127 16.54 28.17 -1.90
CA LEU B 127 15.74 28.28 -0.67
C LEU B 127 16.18 27.31 0.43
N HIS B 128 16.78 26.15 0.08
CA HIS B 128 17.18 25.12 1.05
C HIS B 128 18.68 24.89 1.03
N PRO B 129 19.46 25.73 1.74
CA PRO B 129 20.93 25.59 1.70
C PRO B 129 21.49 24.30 2.31
N TYR B 130 20.65 23.53 3.05
CA TYR B 130 21.05 22.25 3.62
C TYR B 130 21.18 21.14 2.56
N LEU B 131 20.48 21.27 1.40
CA LEU B 131 20.57 20.31 0.30
C LEU B 131 21.96 20.43 -0.35
N ASP B 132 22.73 19.32 -0.35
CA ASP B 132 24.12 19.24 -0.84
C ASP B 132 24.35 18.15 -1.91
N GLU B 133 23.33 17.38 -2.22
CA GLU B 133 23.39 16.34 -3.24
C GLU B 133 22.10 16.36 -4.01
N LEU B 134 22.20 16.03 -5.29
CA LEU B 134 21.09 16.04 -6.20
C LEU B 134 21.09 14.70 -6.95
N ARG B 135 19.99 13.92 -6.81
CA ARG B 135 19.83 12.60 -7.45
C ARG B 135 18.68 12.63 -8.41
N ILE B 136 18.98 12.59 -9.72
CA ILE B 136 17.96 12.72 -10.76
C ILE B 136 17.74 11.44 -11.53
N ALA B 137 16.47 11.13 -11.84
CA ALA B 137 16.07 9.98 -12.67
C ALA B 137 15.21 10.50 -13.82
N VAL B 138 15.68 10.28 -15.05
CA VAL B 138 14.99 10.72 -16.26
C VAL B 138 14.43 9.48 -16.90
N GLU B 139 13.09 9.41 -17.06
CA GLU B 139 12.40 8.25 -17.62
C GLU B 139 12.72 8.10 -19.13
N GLY B 140 13.33 6.97 -19.50
CA GLY B 140 13.74 6.74 -20.88
C GLY B 140 13.01 5.68 -21.67
N ASN B 141 11.78 5.33 -21.26
CA ASN B 141 10.93 4.34 -21.90
C ASN B 141 10.48 4.73 -23.30
N THR B 142 9.89 5.94 -23.39
CA THR B 142 9.32 6.55 -24.59
C THR B 142 10.41 6.77 -25.69
N ASN B 143 11.64 7.19 -25.30
CA ASN B 143 12.81 7.41 -26.18
C ASN B 143 14.08 7.44 -25.30
N GLN B 144 14.93 6.40 -25.42
CA GLN B 144 16.15 6.28 -24.61
C GLN B 144 17.17 7.37 -24.92
N ALA B 145 17.40 7.64 -26.23
CA ALA B 145 18.34 8.63 -26.72
C ALA B 145 17.98 10.07 -26.27
N ALA B 146 16.67 10.43 -26.35
CA ALA B 146 16.19 11.75 -25.94
C ALA B 146 16.37 11.96 -24.43
N ALA B 147 16.15 10.89 -23.61
CA ALA B 147 16.32 10.90 -22.15
C ALA B 147 17.76 11.20 -21.77
N VAL B 148 18.74 10.57 -22.47
CA VAL B 148 20.17 10.82 -22.23
C VAL B 148 20.54 12.28 -22.57
N ARG B 149 19.95 12.82 -23.65
CA ARG B 149 20.14 14.20 -24.07
C ARG B 149 19.61 15.17 -23.01
N ILE B 150 18.39 14.92 -22.49
CA ILE B 150 17.75 15.74 -21.44
C ILE B 150 18.61 15.77 -20.19
N ALA B 151 19.08 14.59 -19.72
CA ALA B 151 19.93 14.42 -18.54
C ALA B 151 21.20 15.31 -18.63
N CYS B 152 21.89 15.35 -19.78
CA CYS B 152 23.07 16.18 -19.98
C CYS B 152 22.79 17.64 -19.82
N LEU B 153 21.70 18.08 -20.46
CA LEU B 153 21.23 19.46 -20.48
C LEU B 153 20.91 19.94 -19.09
N ILE B 154 20.22 19.13 -18.29
CA ILE B 154 19.90 19.47 -16.90
C ILE B 154 21.20 19.68 -16.10
N ARG B 155 22.12 18.72 -16.20
CA ARG B 155 23.42 18.79 -15.54
C ARG B 155 24.22 20.06 -15.96
N GLN B 156 24.23 20.42 -17.25
CA GLN B 156 24.93 21.62 -17.69
C GLN B 156 24.26 22.88 -17.14
N SER B 157 22.90 22.88 -17.11
CA SER B 157 22.13 24.02 -16.64
C SER B 157 22.34 24.25 -15.15
N VAL B 158 22.14 23.19 -14.35
CA VAL B 158 22.31 23.20 -12.89
C VAL B 158 23.74 23.60 -12.50
N GLN B 159 24.77 23.00 -13.15
CA GLN B 159 26.17 23.25 -12.83
C GLN B 159 26.66 24.66 -13.27
N SER B 160 25.91 25.35 -14.15
CA SER B 160 26.24 26.73 -14.55
C SER B 160 25.84 27.68 -13.42
N SER B 161 24.75 27.35 -12.74
CA SER B 161 24.16 28.18 -11.69
C SER B 161 24.67 27.94 -10.28
N THR B 162 24.97 26.68 -9.94
CA THR B 162 25.35 26.33 -8.58
C THR B 162 26.45 25.26 -8.53
N LEU B 163 27.23 25.25 -7.43
CA LEU B 163 28.22 24.21 -7.19
C LEU B 163 27.56 23.10 -6.32
N ILE B 164 27.14 22.01 -6.94
CA ILE B 164 26.50 20.88 -6.26
C ILE B 164 26.89 19.51 -6.88
N ARG B 165 26.91 18.44 -6.04
CA ARG B 165 27.14 17.07 -6.47
C ARG B 165 25.84 16.62 -7.20
N VAL B 166 25.97 16.23 -8.49
CA VAL B 166 24.84 15.79 -9.32
C VAL B 166 25.03 14.34 -9.76
N LEU B 167 24.10 13.47 -9.35
CA LEU B 167 24.09 12.04 -9.71
C LEU B 167 22.84 11.70 -10.49
N PHE B 168 22.99 10.84 -11.49
CA PHE B 168 21.88 10.38 -12.32
C PHE B 168 21.64 8.88 -12.16
N TYR B 169 20.39 8.45 -12.32
CA TYR B 169 20.07 7.03 -12.27
C TYR B 169 20.60 6.43 -13.57
N HIS B 170 21.41 5.37 -13.48
CA HIS B 170 22.02 4.71 -14.63
C HIS B 170 21.49 3.32 -14.82
N THR B 171 21.28 2.97 -16.08
CA THR B 171 20.84 1.64 -16.50
C THR B 171 21.61 1.24 -17.77
N PRO B 172 22.11 -0.03 -17.88
CA PRO B 172 22.84 -0.44 -19.10
C PRO B 172 22.03 -0.49 -20.40
N ASP B 173 22.69 -0.09 -21.51
CA ASP B 173 22.17 -0.08 -22.88
C ASP B 173 22.28 -1.49 -23.51
N GLN B 174 21.86 -1.62 -24.79
CA GLN B 174 21.93 -2.87 -25.55
C GLN B 174 23.36 -3.41 -25.70
N ASN B 175 24.37 -2.49 -25.71
CA ASN B 175 25.81 -2.81 -25.81
C ASN B 175 26.50 -2.97 -24.43
N HIS B 176 25.70 -2.91 -23.34
CA HIS B 176 26.03 -3.09 -21.91
C HIS B 176 26.63 -1.84 -21.24
N ILE B 177 26.82 -0.74 -22.00
CA ILE B 177 27.33 0.51 -21.43
C ILE B 177 26.19 1.17 -20.63
N GLU B 178 26.49 1.58 -19.37
CA GLU B 178 25.55 2.25 -18.47
C GLU B 178 25.21 3.67 -18.96
N GLN B 179 23.92 3.94 -19.15
CA GLN B 179 23.41 5.21 -19.64
C GLN B 179 22.57 5.93 -18.59
N PRO B 180 22.61 7.30 -18.54
CA PRO B 180 21.87 8.03 -17.50
C PRO B 180 20.35 8.15 -17.73
N PHE B 181 19.63 7.01 -17.72
CA PHE B 181 18.17 7.01 -17.80
C PHE B 181 17.56 5.92 -16.92
N TYR B 182 16.28 6.08 -16.54
CA TYR B 182 15.51 5.12 -15.76
C TYR B 182 14.51 4.47 -16.66
N LEU B 183 14.41 3.14 -16.57
CA LEU B 183 13.39 2.40 -17.31
C LEU B 183 12.28 1.88 -16.40
N MET B 184 11.06 2.28 -16.69
CA MET B 184 9.92 1.82 -15.92
C MET B 184 9.44 0.46 -16.43
N GLY B 185 9.05 -0.39 -15.50
CA GLY B 185 8.53 -1.72 -15.80
C GLY B 185 7.52 -2.17 -14.78
N ARG B 186 7.64 -3.45 -14.35
CA ARG B 186 6.77 -4.12 -13.37
C ARG B 186 6.74 -3.36 -12.03
N ASP B 187 7.91 -2.83 -11.59
CA ASP B 187 8.11 -2.07 -10.36
C ASP B 187 7.14 -0.86 -10.18
N LYS B 188 6.47 -0.40 -11.27
CA LYS B 188 5.49 0.69 -11.23
C LYS B 188 4.34 0.32 -10.29
N ALA B 189 3.93 -0.96 -10.29
CA ALA B 189 2.87 -1.47 -9.42
C ALA B 189 3.27 -1.30 -7.94
N LEU B 190 4.53 -1.63 -7.61
CA LEU B 190 5.10 -1.53 -6.28
C LEU B 190 5.19 -0.04 -5.84
N ALA B 191 5.72 0.83 -6.71
CA ALA B 191 5.82 2.27 -6.48
C ALA B 191 4.44 2.88 -6.14
N VAL B 192 3.37 2.54 -6.92
CA VAL B 192 2.00 3.04 -6.72
C VAL B 192 1.45 2.55 -5.38
N GLU B 193 1.64 1.25 -5.09
CA GLU B 193 1.22 0.64 -3.84
C GLU B 193 1.84 1.34 -2.63
N GLN B 194 3.18 1.51 -2.67
CA GLN B 194 3.97 2.18 -1.62
C GLN B 194 3.42 3.58 -1.40
N PHE B 195 3.14 4.31 -2.51
CA PHE B 195 2.61 5.65 -2.44
C PHE B 195 1.29 5.72 -1.68
N ILE B 196 0.29 4.95 -2.13
CA ILE B 196 -1.04 4.90 -1.50
C ILE B 196 -0.94 4.65 0.03
N SER B 197 -0.04 3.72 0.43
CA SER B 197 0.19 3.39 1.84
C SER B 197 0.78 4.60 2.60
N ARG B 198 1.90 5.15 2.14
CA ARG B 198 2.55 6.27 2.79
C ARG B 198 1.63 7.48 2.85
N PHE B 199 1.02 7.89 1.67
CA PHE B 199 0.05 8.99 1.61
C PHE B 199 -1.03 8.87 2.71
N ASN B 200 -1.71 7.71 2.85
CA ASN B 200 -2.80 7.50 3.83
C ASN B 200 -2.36 7.61 5.31
N SER B 201 -1.11 7.22 5.61
CA SER B 201 -0.47 7.26 6.93
C SER B 201 0.01 8.69 7.18
N GLY B 202 0.00 9.52 6.13
CA GLY B 202 0.40 10.92 6.20
C GLY B 202 1.89 11.17 6.18
N TYR B 203 2.69 10.21 5.62
CA TYR B 203 4.13 10.36 5.45
C TYR B 203 4.54 11.25 4.25
N ILE B 204 3.61 11.67 3.39
CA ILE B 204 3.92 12.54 2.27
C ILE B 204 3.31 13.92 2.53
N LYS B 205 4.18 14.93 2.63
CA LYS B 205 3.79 16.31 2.89
C LYS B 205 4.34 17.26 1.84
N ALA B 206 3.71 18.42 1.69
CA ALA B 206 4.16 19.47 0.80
C ALA B 206 4.91 20.53 1.61
N SER B 207 5.78 21.27 0.93
CA SER B 207 6.52 22.38 1.48
C SER B 207 5.64 23.65 1.28
N GLN B 208 5.64 24.58 2.24
CA GLN B 208 4.87 25.83 2.09
C GLN B 208 5.49 26.71 0.98
N GLU B 209 6.83 26.56 0.76
CA GLU B 209 7.64 27.26 -0.24
C GLU B 209 7.91 26.33 -1.44
N LEU B 210 6.89 25.61 -1.87
CA LEU B 210 6.96 24.67 -2.99
C LEU B 210 7.12 25.49 -4.24
N VAL B 211 8.14 25.19 -5.04
CA VAL B 211 8.48 25.86 -6.29
C VAL B 211 7.72 25.25 -7.46
N SER B 212 7.14 26.09 -8.31
CA SER B 212 6.42 25.68 -9.53
C SER B 212 6.22 26.87 -10.46
N TYR B 213 7.06 26.96 -11.48
CA TYR B 213 6.94 28.04 -12.44
C TYR B 213 5.80 27.80 -13.45
N THR B 214 5.50 26.53 -13.77
CA THR B 214 4.48 26.12 -14.72
C THR B 214 3.08 26.09 -14.13
N ILE B 215 2.90 25.79 -12.83
CA ILE B 215 1.55 25.71 -12.21
C ILE B 215 1.16 26.98 -11.41
N LYS B 216 2.05 27.47 -10.50
CA LYS B 216 1.80 28.58 -9.57
C LYS B 216 1.07 29.80 -10.15
N LEU B 217 1.34 30.22 -11.41
CA LEU B 217 0.62 31.37 -11.97
C LEU B 217 -0.87 31.09 -12.35
N SER B 218 -1.25 29.79 -12.41
CA SER B 218 -2.58 29.30 -12.76
C SER B 218 -3.31 28.71 -11.57
N HIS B 219 -2.65 27.84 -10.76
CA HIS B 219 -3.31 27.18 -9.62
C HIS B 219 -2.43 27.06 -8.43
N ASP B 220 -2.98 26.55 -7.31
CA ASP B 220 -2.18 26.17 -6.17
C ASP B 220 -1.66 24.77 -6.59
N PRO B 221 -0.32 24.56 -6.64
CA PRO B 221 0.19 23.24 -7.09
C PRO B 221 -0.29 22.02 -6.27
N ILE B 222 -0.64 22.21 -4.97
CA ILE B 222 -1.12 21.08 -4.14
C ILE B 222 -2.59 20.77 -4.45
N GLU B 223 -3.44 21.79 -4.72
CA GLU B 223 -4.83 21.57 -5.15
C GLU B 223 -4.83 20.89 -6.54
N TYR B 224 -3.88 21.31 -7.41
CA TYR B 224 -3.67 20.77 -8.75
C TYR B 224 -3.27 19.29 -8.68
N LEU B 225 -2.26 18.97 -7.85
CA LEU B 225 -1.76 17.60 -7.64
C LEU B 225 -2.84 16.71 -7.05
N LEU B 226 -3.68 17.25 -6.14
CA LEU B 226 -4.77 16.51 -5.49
C LEU B 226 -5.83 16.06 -6.46
N GLU B 227 -6.05 16.81 -7.55
CA GLU B 227 -6.96 16.41 -8.65
C GLU B 227 -6.38 15.12 -9.33
N GLN B 228 -5.04 15.01 -9.43
CA GLN B 228 -4.36 13.84 -9.99
C GLN B 228 -4.40 12.62 -9.07
N ILE B 229 -4.24 12.82 -7.74
CA ILE B 229 -4.29 11.75 -6.73
C ILE B 229 -5.68 11.16 -6.71
N GLN B 230 -6.72 12.02 -6.81
CA GLN B 230 -8.10 11.56 -6.82
C GLN B 230 -8.36 10.54 -7.95
N ASN B 231 -7.76 10.75 -9.13
CA ASN B 231 -7.95 9.88 -10.30
C ASN B 231 -7.01 8.65 -10.33
N LEU B 232 -6.16 8.50 -9.29
CA LEU B 232 -5.14 7.45 -9.15
C LEU B 232 -5.69 6.08 -8.84
N HIS B 233 -5.30 5.07 -9.62
CA HIS B 233 -5.71 3.68 -9.46
C HIS B 233 -4.53 2.74 -9.30
N ARG B 234 -4.81 1.55 -8.78
CA ARG B 234 -3.85 0.46 -8.64
C ARG B 234 -3.59 -0.11 -10.04
N VAL B 235 -2.31 -0.29 -10.39
CA VAL B 235 -1.79 -0.73 -11.70
C VAL B 235 -2.52 -2.01 -12.29
N THR B 236 -2.56 -3.15 -11.57
CA THR B 236 -3.24 -4.39 -12.03
C THR B 236 -2.70 -4.93 -13.36
N ARG B 252 -7.61 10.81 -22.07
CA ARG B 252 -8.72 11.53 -21.44
C ARG B 252 -8.32 12.31 -20.17
N ILE B 253 -7.28 11.84 -19.43
CA ILE B 253 -6.77 12.48 -18.20
C ILE B 253 -5.24 12.54 -18.17
N SER B 254 -4.70 13.54 -17.45
CA SER B 254 -3.26 13.71 -17.31
C SER B 254 -2.82 13.20 -15.94
N ASP B 255 -1.70 12.46 -15.90
CA ASP B 255 -1.18 11.83 -14.68
C ASP B 255 0.34 12.00 -14.49
N ASP B 256 1.00 12.68 -15.42
CA ASP B 256 2.44 12.90 -15.46
C ASP B 256 3.01 13.46 -14.17
N LEU B 257 2.25 14.32 -13.49
CA LEU B 257 2.74 14.94 -12.25
C LEU B 257 2.74 13.95 -11.07
N ILE B 258 1.62 13.23 -10.88
CA ILE B 258 1.52 12.25 -9.81
C ILE B 258 2.52 11.11 -10.04
N ILE B 259 2.73 10.66 -11.29
CA ILE B 259 3.70 9.61 -11.62
C ILE B 259 5.13 10.03 -11.18
N ALA B 260 5.54 11.28 -11.47
CA ALA B 260 6.83 11.79 -11.02
C ALA B 260 6.91 11.86 -9.47
N VAL B 261 5.80 12.23 -8.76
CA VAL B 261 5.79 12.26 -7.29
C VAL B 261 5.95 10.83 -6.72
N ILE B 262 5.16 9.88 -7.23
CA ILE B 262 5.21 8.48 -6.84
C ILE B 262 6.64 7.92 -7.04
N MET B 263 7.24 8.15 -8.21
CA MET B 263 8.54 7.64 -8.58
C MET B 263 9.72 8.28 -7.84
N ALA B 264 9.68 9.60 -7.60
CA ALA B 264 10.72 10.31 -6.85
C ALA B 264 10.77 9.83 -5.39
N THR B 265 9.60 9.54 -4.78
CA THR B 265 9.53 9.04 -3.41
C THR B 265 9.92 7.57 -3.35
N TYR B 266 9.74 6.85 -4.46
CA TYR B 266 10.07 5.44 -4.58
C TYR B 266 11.58 5.22 -4.71
N LEU B 267 12.26 5.93 -5.64
CA LEU B 267 13.69 5.79 -5.89
C LEU B 267 14.59 6.35 -4.76
N CYS B 268 13.97 6.98 -3.76
CA CYS B 268 14.50 7.51 -2.51
C CYS B 268 15.31 6.44 -1.74
N ASP B 269 14.77 5.19 -1.71
CA ASP B 269 15.18 3.96 -1.03
C ASP B 269 16.65 3.65 -1.16
N ASP B 270 17.21 2.98 -0.12
CA ASP B 270 18.59 2.52 -0.08
C ASP B 270 18.85 1.47 -1.18
N ILE B 271 17.83 0.67 -1.50
CA ILE B 271 17.84 -0.38 -2.53
C ILE B 271 18.29 0.15 -3.93
N HIS B 272 18.02 1.42 -4.21
CA HIS B 272 18.33 2.04 -5.50
C HIS B 272 19.60 2.86 -5.51
N ALA B 273 20.16 3.18 -4.32
CA ALA B 273 21.30 4.08 -4.14
C ALA B 273 22.48 3.80 -5.06
N ILE B 274 22.80 2.51 -5.29
CA ILE B 274 23.92 2.06 -6.12
C ILE B 274 23.77 2.43 -7.61
N ARG B 275 22.51 2.71 -8.05
CA ARG B 275 22.18 3.04 -9.45
C ARG B 275 22.50 4.48 -9.80
N PHE B 276 22.70 5.33 -8.79
CA PHE B 276 23.04 6.74 -8.97
C PHE B 276 24.52 6.90 -9.03
N ARG B 277 25.01 7.45 -10.15
CA ARG B 277 26.42 7.76 -10.41
C ARG B 277 26.57 9.06 -11.18
N VAL B 278 27.78 9.67 -11.18
CA VAL B 278 28.05 10.91 -11.92
C VAL B 278 27.97 10.65 -13.43
N SER B 279 27.27 11.53 -14.18
CA SER B 279 27.11 11.38 -15.63
C SER B 279 28.16 12.14 -16.44
N LEU C 34 -6.15 -3.13 3.84
CA LEU C 34 -4.72 -3.20 3.58
C LEU C 34 -4.36 -4.18 2.44
N ILE C 35 -4.91 -5.43 2.46
CA ILE C 35 -4.66 -6.45 1.42
C ILE C 35 -5.90 -6.60 0.51
N THR C 36 -5.70 -6.50 -0.82
CA THR C 36 -6.76 -6.65 -1.84
C THR C 36 -7.33 -8.09 -1.84
N ASP C 37 -8.61 -8.24 -2.19
CA ASP C 37 -9.26 -9.55 -2.26
C ASP C 37 -8.73 -10.38 -3.42
N GLN C 38 -8.44 -9.74 -4.56
CA GLN C 38 -7.90 -10.42 -5.75
C GLN C 38 -6.50 -11.01 -5.46
N SER C 39 -5.66 -10.28 -4.71
CA SER C 39 -4.32 -10.79 -4.36
C SER C 39 -4.44 -12.02 -3.46
N ARG C 40 -5.39 -11.98 -2.51
CA ARG C 40 -5.67 -13.08 -1.60
C ARG C 40 -6.09 -14.34 -2.40
N GLU C 41 -7.02 -14.16 -3.37
CA GLU C 41 -7.56 -15.15 -4.29
C GLU C 41 -6.44 -15.75 -5.16
N GLU C 42 -5.64 -14.92 -5.86
CA GLU C 42 -4.55 -15.40 -6.73
C GLU C 42 -3.41 -16.12 -5.98
N PHE C 43 -3.13 -15.70 -4.73
CA PHE C 43 -2.12 -16.32 -3.89
C PHE C 43 -2.53 -17.76 -3.60
N ASP C 44 -3.82 -17.98 -3.34
CA ASP C 44 -4.41 -19.26 -3.02
C ASP C 44 -4.48 -20.19 -4.23
N ILE C 45 -5.09 -19.68 -5.30
CA ILE C 45 -5.37 -20.39 -6.54
C ILE C 45 -4.12 -20.67 -7.41
N LEU C 46 -3.22 -19.71 -7.56
CA LEU C 46 -2.09 -19.82 -8.47
C LEU C 46 -0.77 -20.03 -7.75
N ARG C 47 -0.25 -21.27 -7.88
CA ARG C 47 0.98 -21.76 -7.26
C ARG C 47 1.91 -22.42 -8.27
N TYR C 48 3.21 -22.15 -8.12
CA TYR C 48 4.26 -22.68 -9.03
C TYR C 48 4.63 -24.13 -8.75
N SER C 49 4.68 -25.00 -9.77
CA SER C 49 5.07 -26.42 -9.64
C SER C 49 6.48 -26.59 -10.24
N THR C 50 7.54 -26.46 -9.40
CA THR C 50 8.92 -26.53 -9.87
C THR C 50 9.30 -27.92 -10.36
N LEU C 51 8.77 -28.98 -9.72
CA LEU C 51 9.05 -30.38 -10.09
C LEU C 51 8.56 -30.74 -11.50
N ASN C 52 7.81 -29.83 -12.13
CA ASN C 52 7.32 -30.03 -13.50
C ASN C 52 8.39 -29.65 -14.49
N THR C 53 9.09 -28.55 -14.20
CA THR C 53 10.16 -27.98 -15.01
C THR C 53 11.50 -28.70 -14.77
N ASN C 54 12.34 -28.61 -15.80
CA ASN C 54 13.69 -29.13 -15.93
C ASN C 54 14.59 -27.90 -16.12
N ALA C 55 13.98 -26.79 -16.59
CA ALA C 55 14.59 -25.48 -16.84
C ALA C 55 14.58 -24.59 -15.59
N TYR C 56 15.75 -24.50 -14.94
CA TYR C 56 15.92 -23.75 -13.70
C TYR C 56 16.59 -22.38 -13.87
N ASP C 57 16.69 -21.92 -15.12
CA ASP C 57 17.36 -20.68 -15.53
C ASP C 57 16.79 -19.39 -14.89
N TYR C 58 15.48 -19.30 -14.66
CA TYR C 58 14.94 -18.09 -14.06
C TYR C 58 14.77 -18.16 -12.54
N PHE C 59 15.12 -19.30 -11.94
CA PHE C 59 15.02 -19.49 -10.51
C PHE C 59 16.27 -19.07 -9.82
N GLY C 60 16.10 -18.45 -8.66
CA GLY C 60 17.18 -18.07 -7.75
C GLY C 60 17.79 -19.31 -7.14
N LYS C 61 19.12 -19.34 -6.95
CA LYS C 61 19.82 -20.52 -6.42
C LYS C 61 20.12 -20.45 -4.90
N THR C 62 19.63 -19.42 -4.22
CA THR C 62 19.86 -19.20 -2.80
C THR C 62 18.53 -19.25 -2.02
N LEU C 63 18.49 -20.08 -0.97
CA LEU C 63 17.32 -20.22 -0.09
C LEU C 63 17.52 -19.33 1.15
N TYR C 64 16.57 -18.40 1.38
CA TYR C 64 16.57 -17.47 2.51
C TYR C 64 15.61 -18.01 3.56
N VAL C 65 16.10 -18.18 4.78
CA VAL C 65 15.30 -18.71 5.86
C VAL C 65 15.28 -17.73 7.02
N TYR C 66 14.09 -17.42 7.55
CA TYR C 66 13.97 -16.57 8.71
C TYR C 66 13.26 -17.37 9.78
N LEU C 67 13.79 -17.28 11.01
CA LEU C 67 13.25 -17.99 12.14
C LEU C 67 12.90 -17.01 13.28
N ASP C 68 11.62 -17.00 13.70
CA ASP C 68 11.06 -16.18 14.78
C ASP C 68 10.77 -17.10 15.98
N PRO C 69 11.72 -17.22 16.94
CA PRO C 69 11.51 -18.15 18.06
C PRO C 69 10.37 -17.79 19.01
N ALA C 70 9.80 -18.82 19.67
CA ALA C 70 8.70 -18.70 20.63
C ALA C 70 9.09 -17.86 21.84
N PHE C 71 8.12 -17.09 22.35
CA PHE C 71 8.31 -16.20 23.50
C PHE C 71 7.09 -16.15 24.41
N THR C 72 7.29 -16.49 25.70
CA THR C 72 6.25 -16.52 26.74
C THR C 72 6.07 -15.17 27.44
N ALA C 77 2.34 -18.34 26.83
CA ALA C 77 2.96 -19.21 25.83
C ALA C 77 2.88 -18.61 24.42
N SER C 78 3.68 -19.14 23.44
CA SER C 78 3.74 -18.65 22.03
C SER C 78 4.30 -19.70 21.01
N GLY C 79 4.14 -19.39 19.71
CA GLY C 79 4.58 -20.24 18.60
C GLY C 79 5.83 -19.79 17.88
N THR C 80 6.62 -20.78 17.40
CA THR C 80 7.84 -20.56 16.63
C THR C 80 7.43 -20.66 15.17
N GLY C 81 7.70 -19.59 14.43
CA GLY C 81 7.44 -19.48 13.01
C GLY C 81 8.72 -19.52 12.21
N VAL C 82 8.72 -20.26 11.12
CA VAL C 82 9.85 -20.46 10.21
C VAL C 82 9.35 -20.34 8.76
N ALA C 83 10.09 -19.62 7.91
CA ALA C 83 9.76 -19.45 6.49
C ALA C 83 11.01 -19.57 5.65
N ALA C 84 10.91 -20.29 4.54
CA ALA C 84 12.00 -20.52 3.59
C ALA C 84 11.54 -20.03 2.21
N VAL C 85 12.22 -18.98 1.67
CA VAL C 85 11.85 -18.35 0.41
C VAL C 85 13.04 -18.29 -0.58
N GLY C 86 12.71 -18.12 -1.84
CA GLY C 86 13.68 -17.98 -2.93
C GLY C 86 13.11 -17.10 -4.01
N ALA C 87 13.94 -16.64 -4.95
CA ALA C 87 13.42 -15.83 -6.06
C ALA C 87 13.06 -16.66 -7.27
N TYR C 88 12.00 -16.25 -7.96
CA TYR C 88 11.63 -16.80 -9.25
C TYR C 88 11.36 -15.58 -10.05
N ARG C 89 12.28 -15.25 -10.98
CA ARG C 89 12.21 -14.04 -11.80
C ARG C 89 12.10 -12.82 -10.86
N HIS C 90 11.05 -11.97 -11.03
CA HIS C 90 10.81 -10.76 -10.25
C HIS C 90 9.99 -11.03 -8.98
N GLN C 91 9.70 -12.30 -8.75
CA GLN C 91 8.83 -12.72 -7.67
C GLN C 91 9.55 -13.53 -6.59
N PHE C 92 8.85 -13.77 -5.48
CA PHE C 92 9.34 -14.57 -4.34
C PHE C 92 8.47 -15.79 -4.18
N LEU C 93 9.11 -16.95 -3.99
CA LEU C 93 8.45 -18.23 -3.91
C LEU C 93 8.58 -18.81 -2.52
N ILE C 94 7.45 -19.05 -1.84
CA ILE C 94 7.41 -19.64 -0.50
C ILE C 94 7.62 -21.16 -0.69
N TYR C 95 8.81 -21.65 -0.29
CA TYR C 95 9.18 -23.07 -0.40
C TYR C 95 8.79 -23.89 0.84
N GLY C 96 8.88 -23.27 2.01
CA GLY C 96 8.56 -23.96 3.26
C GLY C 96 7.98 -23.04 4.30
N LEU C 97 7.14 -23.62 5.18
CA LEU C 97 6.49 -22.90 6.28
C LEU C 97 6.37 -23.78 7.47
N GLU C 98 6.75 -23.29 8.67
CA GLU C 98 6.58 -24.07 9.90
C GLU C 98 6.04 -23.17 11.01
N HIS C 99 5.00 -23.62 11.72
CA HIS C 99 4.42 -22.91 12.88
C HIS C 99 4.27 -23.92 13.96
N PHE C 100 5.34 -23.99 14.78
CA PHE C 100 5.64 -24.94 15.83
C PHE C 100 5.24 -24.47 17.23
N PHE C 101 4.56 -25.34 17.98
CA PHE C 101 4.13 -25.03 19.36
C PHE C 101 4.69 -26.07 20.33
N LEU C 102 5.69 -25.68 21.13
CA LEU C 102 6.30 -26.58 22.12
C LEU C 102 5.42 -26.67 23.38
N ARG C 103 5.51 -27.79 24.12
CA ARG C 103 4.75 -28.02 25.37
C ARG C 103 5.56 -27.64 26.64
N ASP C 104 6.91 -27.60 26.50
CA ASP C 104 7.91 -27.26 27.52
C ASP C 104 8.82 -26.13 26.99
N GLU C 107 15.48 -25.29 27.51
CA GLU C 107 16.69 -25.69 26.81
C GLU C 107 16.47 -26.87 25.84
N SER C 108 15.53 -27.78 26.20
CA SER C 108 15.11 -28.95 25.40
C SER C 108 14.37 -28.43 24.15
N SER C 109 13.67 -27.28 24.31
CA SER C 109 12.92 -26.57 23.30
C SER C 109 13.84 -26.00 22.22
N GLU C 110 15.10 -25.62 22.59
CA GLU C 110 16.09 -25.07 21.66
C GLU C 110 16.45 -26.10 20.61
N VAL C 111 16.60 -27.35 21.06
CA VAL C 111 16.91 -28.50 20.22
C VAL C 111 15.68 -28.78 19.31
N ALA C 112 14.47 -28.73 19.89
CA ALA C 112 13.19 -28.94 19.20
C ALA C 112 12.93 -27.90 18.11
N ILE C 113 13.22 -26.60 18.37
CA ILE C 113 13.05 -25.52 17.41
C ILE C 113 14.00 -25.72 16.24
N ALA C 114 15.30 -25.92 16.56
CA ALA C 114 16.36 -26.13 15.58
C ALA C 114 16.11 -27.34 14.70
N GLU C 115 15.66 -28.46 15.30
CA GLU C 115 15.35 -29.71 14.57
C GLU C 115 14.17 -29.54 13.64
N CYS C 116 13.18 -28.74 14.05
CA CYS C 116 11.98 -28.47 13.26
C CYS C 116 12.33 -27.68 12.00
N ALA C 117 13.16 -26.63 12.16
CA ALA C 117 13.64 -25.77 11.09
C ALA C 117 14.57 -26.54 10.14
N ALA C 118 15.50 -27.34 10.71
CA ALA C 118 16.44 -28.16 9.94
C ALA C 118 15.73 -29.20 9.05
N HIS C 119 14.68 -29.84 9.59
CA HIS C 119 13.90 -30.85 8.88
C HIS C 119 13.26 -30.28 7.63
N MET C 120 12.67 -29.08 7.76
CA MET C 120 12.01 -28.34 6.67
C MET C 120 13.04 -27.97 5.58
N ILE C 121 14.16 -27.34 5.96
CA ILE C 121 15.25 -26.95 5.07
C ILE C 121 15.75 -28.15 4.25
N ILE C 122 16.08 -29.27 4.94
CA ILE C 122 16.58 -30.48 4.29
C ILE C 122 15.59 -30.97 3.21
N SER C 123 14.29 -30.97 3.52
CA SER C 123 13.26 -31.40 2.58
C SER C 123 13.14 -30.45 1.37
N VAL C 124 13.24 -29.14 1.62
CA VAL C 124 13.18 -28.14 0.54
C VAL C 124 14.34 -28.34 -0.43
N LEU C 125 15.56 -28.57 0.12
CA LEU C 125 16.77 -28.75 -0.69
C LEU C 125 16.70 -30.00 -1.53
N SER C 126 16.11 -31.06 -0.96
CA SER C 126 15.95 -32.36 -1.62
C SER C 126 15.09 -32.25 -2.87
N LEU C 127 14.00 -31.45 -2.80
CA LEU C 127 13.09 -31.23 -3.92
C LEU C 127 13.60 -30.22 -4.96
N HIS C 128 14.46 -29.26 -4.54
CA HIS C 128 14.98 -28.22 -5.43
C HIS C 128 16.50 -28.29 -5.57
N PRO C 129 16.99 -29.19 -6.47
CA PRO C 129 18.45 -29.36 -6.61
C PRO C 129 19.22 -28.13 -7.12
N TYR C 130 18.50 -27.11 -7.66
CA TYR C 130 19.11 -25.87 -8.13
C TYR C 130 19.57 -24.98 -6.98
N LEU C 131 19.04 -25.19 -5.77
CA LEU C 131 19.44 -24.41 -4.60
C LEU C 131 20.81 -24.87 -4.11
N ASP C 132 21.79 -23.94 -4.14
CA ASP C 132 23.21 -24.20 -3.82
C ASP C 132 23.78 -23.34 -2.66
N GLU C 133 22.96 -22.44 -2.10
CA GLU C 133 23.35 -21.61 -0.98
C GLU C 133 22.18 -21.47 -0.05
N LEU C 134 22.47 -21.36 1.23
CA LEU C 134 21.48 -21.29 2.28
C LEU C 134 21.83 -20.09 3.19
N ARG C 135 20.92 -19.10 3.28
CA ARG C 135 21.10 -17.89 4.08
C ARG C 135 20.06 -17.84 5.15
N ILE C 136 20.46 -18.02 6.41
CA ILE C 136 19.55 -18.11 7.55
C ILE C 136 19.68 -16.92 8.47
N ALA C 137 18.54 -16.39 8.96
CA ALA C 137 18.47 -15.32 9.94
C ALA C 137 17.63 -15.80 11.12
N VAL C 138 18.26 -15.87 12.31
CA VAL C 138 17.60 -16.30 13.54
C VAL C 138 17.38 -15.07 14.38
N GLU C 139 16.11 -14.77 14.71
CA GLU C 139 15.76 -13.58 15.49
C GLU C 139 16.26 -13.70 16.95
N GLY C 140 17.14 -12.80 17.37
CA GLY C 140 17.74 -12.84 18.70
C GLY C 140 17.32 -11.78 19.70
N ASN C 141 16.18 -11.12 19.47
CA ASN C 141 15.64 -10.05 20.31
C ASN C 141 15.24 -10.53 21.70
N THR C 142 14.38 -11.57 21.74
CA THR C 142 13.80 -12.21 22.93
C THR C 142 14.92 -12.79 23.86
N ASN C 143 15.96 -13.44 23.26
CA ASN C 143 17.12 -14.04 23.95
C ASN C 143 18.27 -14.22 22.94
N GLN C 144 19.35 -13.43 23.09
CA GLN C 144 20.52 -13.45 22.20
C GLN C 144 21.28 -14.78 22.27
N ALA C 145 21.51 -15.29 23.49
CA ALA C 145 22.22 -16.54 23.76
C ALA C 145 21.50 -17.75 23.17
N ALA C 146 20.17 -17.83 23.33
CA ALA C 146 19.37 -18.93 22.79
C ALA C 146 19.39 -18.94 21.27
N ALA C 147 19.36 -17.74 20.63
CA ALA C 147 19.42 -17.57 19.18
C ALA C 147 20.74 -18.11 18.62
N VAL C 148 21.89 -17.82 19.28
CA VAL C 148 23.19 -18.32 18.83
C VAL C 148 23.25 -19.85 18.97
N ARG C 149 22.62 -20.41 20.01
CA ARG C 149 22.55 -21.85 20.23
C ARG C 149 21.73 -22.51 19.11
N ILE C 150 20.54 -21.94 18.79
CA ILE C 150 19.64 -22.40 17.73
C ILE C 150 20.34 -22.39 16.37
N ALA C 151 21.07 -21.28 16.05
CA ALA C 151 21.83 -21.12 14.79
C ALA C 151 22.92 -22.15 14.68
N CYS C 152 23.50 -22.53 15.82
CA CYS C 152 24.56 -23.51 15.86
C CYS C 152 24.01 -24.92 15.56
N LEU C 153 22.87 -25.25 16.15
CA LEU C 153 22.21 -26.54 16.01
C LEU C 153 21.63 -26.77 14.62
N ILE C 154 21.09 -25.72 13.97
CA ILE C 154 20.56 -25.85 12.62
C ILE C 154 21.72 -26.22 11.69
N ARG C 155 22.84 -25.50 11.79
CA ARG C 155 24.03 -25.72 11.00
C ARG C 155 24.56 -27.15 11.14
N GLN C 156 24.62 -27.69 12.36
CA GLN C 156 25.07 -29.06 12.58
C GLN C 156 24.10 -30.06 11.98
N SER C 157 22.77 -29.78 12.09
CA SER C 157 21.72 -30.67 11.60
C SER C 157 21.75 -30.73 10.07
N VAL C 158 21.69 -29.56 9.43
CA VAL C 158 21.74 -29.40 7.98
C VAL C 158 23.02 -30.02 7.36
N GLN C 159 24.20 -29.73 7.95
CA GLN C 159 25.47 -30.21 7.45
C GLN C 159 25.70 -31.71 7.63
N SER C 160 24.92 -32.36 8.52
CA SER C 160 25.00 -33.81 8.71
C SER C 160 24.30 -34.50 7.55
N SER C 161 23.21 -33.89 7.06
CA SER C 161 22.37 -34.42 6.00
C SER C 161 22.79 -34.10 4.57
N THR C 162 23.29 -32.87 4.33
CA THR C 162 23.60 -32.42 2.98
C THR C 162 24.89 -31.60 2.90
N LEU C 163 25.53 -31.59 1.69
CA LEU C 163 26.70 -30.76 1.42
C LEU C 163 26.22 -29.44 0.78
N ILE C 164 26.16 -28.33 1.57
CA ILE C 164 25.70 -27.03 1.04
C ILE C 164 26.42 -25.87 1.75
N ARG C 165 26.57 -24.73 1.04
CA ARG C 165 27.14 -23.52 1.62
C ARG C 165 26.07 -22.95 2.57
N VAL C 166 26.42 -22.77 3.86
CA VAL C 166 25.49 -22.27 4.90
C VAL C 166 26.01 -20.96 5.50
N LEU C 167 25.23 -19.88 5.33
CA LEU C 167 25.56 -18.55 5.86
C LEU C 167 24.48 -18.08 6.82
N PHE C 168 24.89 -17.38 7.88
CA PHE C 168 24.00 -16.82 8.89
C PHE C 168 24.08 -15.33 8.94
N TYR C 169 22.97 -14.66 9.29
CA TYR C 169 22.97 -13.20 9.46
C TYR C 169 23.73 -12.92 10.75
N HIS C 170 24.74 -12.06 10.68
CA HIS C 170 25.58 -11.70 11.82
C HIS C 170 25.39 -10.26 12.23
N THR C 171 25.17 -10.03 13.52
CA THR C 171 25.06 -8.70 14.15
C THR C 171 26.19 -8.57 15.20
N PRO C 172 26.89 -7.41 15.30
CA PRO C 172 27.92 -7.27 16.34
C PRO C 172 27.31 -7.03 17.72
N ASP C 173 27.73 -7.84 18.71
CA ASP C 173 27.29 -7.80 20.11
C ASP C 173 27.90 -6.60 20.91
N GLN C 174 27.53 -6.48 22.22
CA GLN C 174 28.01 -5.44 23.15
C GLN C 174 29.54 -5.36 23.24
N ASN C 175 30.23 -6.52 23.08
CA ASN C 175 31.69 -6.66 23.12
C ASN C 175 32.35 -6.53 21.71
N HIS C 176 31.54 -6.24 20.66
CA HIS C 176 31.88 -6.00 19.24
C HIS C 176 32.14 -7.29 18.42
N ILE C 177 32.11 -8.49 19.05
CA ILE C 177 32.28 -9.77 18.36
C ILE C 177 31.00 -10.08 17.56
N GLU C 178 31.14 -10.36 16.24
CA GLU C 178 29.98 -10.67 15.37
C GLU C 178 29.35 -12.01 15.75
N GLN C 179 28.05 -11.99 16.08
CA GLN C 179 27.33 -13.19 16.49
C GLN C 179 26.24 -13.59 15.48
N PRO C 180 25.98 -14.91 15.26
CA PRO C 180 24.98 -15.31 14.26
C PRO C 180 23.49 -15.13 14.66
N PHE C 181 23.05 -13.88 14.86
CA PHE C 181 21.65 -13.59 15.14
C PHE C 181 21.24 -12.29 14.50
N TYR C 182 19.93 -12.13 14.35
CA TYR C 182 19.29 -10.96 13.78
C TYR C 182 18.55 -10.20 14.87
N LEU C 183 18.74 -8.87 14.88
CA LEU C 183 18.07 -8.00 15.84
C LEU C 183 17.06 -7.10 15.13
N MET C 184 15.77 -7.31 15.44
CA MET C 184 14.68 -6.54 14.87
C MET C 184 14.52 -5.21 15.59
N GLY C 185 14.21 -4.18 14.83
CA GLY C 185 13.98 -2.83 15.34
C GLY C 185 12.96 -2.08 14.52
N ARG C 186 13.27 -0.79 14.25
CA ARG C 186 12.44 0.14 13.48
C ARG C 186 12.12 -0.40 12.08
N ASP C 187 13.11 -1.05 11.43
CA ASP C 187 13.05 -1.65 10.09
C ASP C 187 11.85 -2.61 9.87
N LYS C 188 11.20 -3.08 10.97
CA LYS C 188 10.03 -3.96 10.93
C LYS C 188 8.89 -3.28 10.18
N ALA C 189 8.72 -1.97 10.39
CA ALA C 189 7.70 -1.16 9.72
C ALA C 189 7.95 -1.15 8.19
N LEU C 190 9.23 -0.99 7.77
CA LEU C 190 9.67 -0.95 6.38
C LEU C 190 9.43 -2.28 5.72
N ALA C 191 9.80 -3.36 6.41
CA ALA C 191 9.60 -4.71 5.94
C ALA C 191 8.10 -4.99 5.78
N VAL C 192 7.25 -4.60 6.77
CA VAL C 192 5.81 -4.88 6.66
C VAL C 192 5.23 -4.16 5.42
N GLU C 193 5.61 -2.88 5.23
CA GLU C 193 5.20 -2.03 4.13
C GLU C 193 5.58 -2.67 2.79
N GLN C 194 6.86 -3.11 2.67
CA GLN C 194 7.43 -3.72 1.47
C GLN C 194 6.62 -4.96 1.08
N PHE C 195 6.31 -5.82 2.06
CA PHE C 195 5.53 -7.04 1.86
C PHE C 195 4.13 -6.72 1.36
N ILE C 196 3.39 -5.86 2.08
CA ILE C 196 2.05 -5.50 1.69
C ILE C 196 1.99 -5.06 0.21
N SER C 197 2.99 -4.29 -0.27
CA SER C 197 3.12 -3.80 -1.65
C SER C 197 3.36 -4.93 -2.62
N ARG C 198 4.35 -5.77 -2.33
CA ARG C 198 4.68 -6.92 -3.15
C ARG C 198 3.48 -7.91 -3.25
N PHE C 199 2.91 -8.28 -2.08
CA PHE C 199 1.74 -9.15 -2.00
C PHE C 199 0.59 -8.62 -2.83
N ASN C 200 0.26 -7.32 -2.72
CA ASN C 200 -0.83 -6.73 -3.50
C ASN C 200 -0.56 -6.68 -5.00
N SER C 201 0.72 -6.60 -5.40
CA SER C 201 1.14 -6.53 -6.79
C SER C 201 1.28 -7.92 -7.40
N GLY C 202 1.11 -8.95 -6.57
CA GLY C 202 1.18 -10.36 -6.93
C GLY C 202 2.59 -10.91 -7.05
N TYR C 203 3.54 -10.26 -6.38
CA TYR C 203 4.95 -10.62 -6.37
C TYR C 203 5.29 -11.75 -5.41
N ILE C 204 4.35 -12.20 -4.58
CA ILE C 204 4.56 -13.29 -3.62
C ILE C 204 3.69 -14.47 -3.98
N LYS C 205 4.35 -15.58 -4.36
CA LYS C 205 3.70 -16.80 -4.78
C LYS C 205 4.11 -17.98 -3.94
N ALA C 206 3.26 -19.00 -3.83
CA ALA C 206 3.55 -20.22 -3.11
C ALA C 206 3.98 -21.29 -4.13
N SER C 207 4.72 -22.27 -3.65
CA SER C 207 5.16 -23.44 -4.39
C SER C 207 4.05 -24.51 -4.20
N GLN C 208 3.78 -25.30 -5.23
CA GLN C 208 2.78 -26.37 -5.12
C GLN C 208 3.30 -27.50 -4.18
N GLU C 209 4.65 -27.64 -4.15
CA GLU C 209 5.38 -28.60 -3.31
C GLU C 209 5.97 -27.91 -2.05
N LEU C 210 5.16 -27.02 -1.43
CA LEU C 210 5.52 -26.27 -0.23
C LEU C 210 5.59 -27.29 0.92
N VAL C 211 6.74 -27.34 1.63
CA VAL C 211 7.05 -28.23 2.74
C VAL C 211 6.54 -27.62 4.05
N SER C 212 5.80 -28.42 4.85
CA SER C 212 5.30 -28.06 6.17
C SER C 212 4.94 -29.28 6.99
N TYR C 213 5.83 -29.69 7.88
CA TYR C 213 5.57 -30.82 8.74
C TYR C 213 4.63 -30.49 9.90
N THR C 214 4.65 -29.23 10.37
CA THR C 214 3.85 -28.76 11.49
C THR C 214 2.41 -28.36 11.10
N ILE C 215 2.19 -27.81 9.89
CA ILE C 215 0.85 -27.37 9.47
C ILE C 215 0.10 -28.41 8.61
N LYS C 216 0.76 -29.00 7.56
CA LYS C 216 0.16 -29.91 6.57
C LYS C 216 -0.72 -31.03 7.16
N LEU C 217 -0.41 -31.52 8.37
CA LEU C 217 -1.20 -32.56 9.04
C LEU C 217 -2.59 -32.11 9.53
N SER C 218 -2.87 -30.78 9.54
CA SER C 218 -4.14 -30.22 9.98
C SER C 218 -4.79 -29.22 8.97
N HIS C 219 -4.01 -28.30 8.37
CA HIS C 219 -4.57 -27.36 7.38
C HIS C 219 -3.77 -27.36 6.08
N ASP C 220 -4.30 -26.67 5.04
CA ASP C 220 -3.54 -26.34 3.83
C ASP C 220 -2.67 -25.18 4.33
N PRO C 221 -1.32 -25.29 4.21
CA PRO C 221 -0.44 -24.21 4.72
C PRO C 221 -0.70 -22.81 4.13
N ILE C 222 -1.21 -22.71 2.88
CA ILE C 222 -1.47 -21.40 2.28
C ILE C 222 -2.77 -20.81 2.82
N GLU C 223 -3.81 -21.64 3.04
CA GLU C 223 -5.07 -21.15 3.65
C GLU C 223 -4.80 -20.71 5.10
N TYR C 224 -3.89 -21.42 5.80
CA TYR C 224 -3.45 -21.11 7.16
C TYR C 224 -2.74 -19.75 7.18
N LEU C 225 -1.75 -19.57 6.27
CA LEU C 225 -0.98 -18.32 6.14
C LEU C 225 -1.88 -17.12 5.83
N LEU C 226 -2.88 -17.32 4.95
CA LEU C 226 -3.82 -16.28 4.56
C LEU C 226 -4.58 -15.76 5.75
N GLU C 227 -5.01 -16.64 6.68
CA GLU C 227 -5.68 -16.22 7.92
C GLU C 227 -4.80 -15.22 8.72
N GLN C 228 -3.48 -15.45 8.80
CA GLN C 228 -2.53 -14.50 9.44
C GLN C 228 -2.39 -13.20 8.61
N ILE C 229 -2.42 -13.30 7.26
CA ILE C 229 -2.34 -12.14 6.35
C ILE C 229 -3.56 -11.25 6.50
N GLN C 230 -4.79 -11.85 6.63
CA GLN C 230 -6.06 -11.12 6.79
C GLN C 230 -6.06 -10.29 8.08
N ASN C 231 -5.21 -10.66 9.06
CA ASN C 231 -5.09 -9.95 10.34
C ASN C 231 -3.91 -8.95 10.35
N LEU C 232 -3.22 -8.77 9.19
CA LEU C 232 -2.10 -7.82 9.02
C LEU C 232 -2.61 -6.54 8.33
N ARG C 252 -4.25 -11.70 21.58
CA ARG C 252 -5.47 -11.96 20.83
C ARG C 252 -5.24 -12.69 19.48
N ILE C 253 -3.99 -12.67 18.94
CA ILE C 253 -3.71 -13.33 17.67
C ILE C 253 -2.28 -13.87 17.56
N SER C 254 -2.06 -14.87 16.66
CA SER C 254 -0.75 -15.47 16.35
C SER C 254 -0.30 -14.90 15.01
N ASP C 255 0.97 -14.45 14.93
CA ASP C 255 1.53 -13.78 13.75
C ASP C 255 2.92 -14.25 13.38
N ASP C 256 3.49 -15.16 14.16
CA ASP C 256 4.84 -15.68 14.00
C ASP C 256 5.19 -16.19 12.59
N LEU C 257 4.21 -16.78 11.90
CA LEU C 257 4.41 -17.30 10.55
C LEU C 257 4.51 -16.19 9.51
N ILE C 258 3.54 -15.24 9.54
CA ILE C 258 3.56 -14.13 8.60
C ILE C 258 4.81 -13.23 8.82
N ILE C 259 5.22 -13.00 10.09
CA ILE C 259 6.43 -12.22 10.41
C ILE C 259 7.68 -12.87 9.76
N ALA C 260 7.77 -14.22 9.86
CA ALA C 260 8.85 -14.98 9.22
C ALA C 260 8.82 -14.82 7.69
N VAL C 261 7.63 -14.82 7.06
CA VAL C 261 7.50 -14.65 5.60
C VAL C 261 7.94 -13.25 5.18
N ILE C 262 7.40 -12.21 5.87
CA ILE C 262 7.71 -10.81 5.64
C ILE C 262 9.25 -10.57 5.74
N MET C 263 9.89 -11.10 6.80
CA MET C 263 11.31 -10.91 7.07
C MET C 263 12.24 -11.67 6.14
N ALA C 264 11.88 -12.90 5.74
CA ALA C 264 12.66 -13.72 4.81
C ALA C 264 12.70 -13.05 3.42
N THR C 265 11.58 -12.43 2.99
CA THR C 265 11.51 -11.75 1.70
C THR C 265 12.23 -10.41 1.76
N TYR C 266 12.29 -9.82 2.97
CA TYR C 266 12.94 -8.54 3.22
C TYR C 266 14.46 -8.66 3.14
N LEU C 267 15.03 -9.70 3.80
CA LEU C 267 16.49 -9.91 3.85
C LEU C 267 17.07 -10.50 2.55
N CYS C 268 16.20 -10.76 1.53
CA CYS C 268 16.57 -11.16 0.16
C CYS C 268 17.48 -10.12 -0.53
N ASP C 269 17.27 -8.82 -0.22
CA ASP C 269 17.97 -7.66 -0.77
C ASP C 269 19.48 -7.78 -0.74
N ASP C 270 20.12 -7.17 -1.75
CA ASP C 270 21.58 -7.08 -1.88
C ASP C 270 22.18 -6.26 -0.72
N ILE C 271 21.43 -5.28 -0.22
CA ILE C 271 21.78 -4.38 0.89
C ILE C 271 22.16 -5.15 2.18
N HIS C 272 21.59 -6.36 2.36
CA HIS C 272 21.80 -7.21 3.54
C HIS C 272 22.88 -8.27 3.34
N ALA C 273 23.26 -8.56 2.06
CA ALA C 273 24.23 -9.58 1.61
C ALA C 273 25.57 -9.64 2.40
N ILE C 274 26.08 -8.49 2.82
CA ILE C 274 27.35 -8.35 3.54
C ILE C 274 27.25 -8.85 5.00
N ARG C 275 26.02 -8.92 5.55
CA ARG C 275 25.75 -9.37 6.93
C ARG C 275 25.73 -10.88 7.05
N PHE C 276 25.63 -11.57 5.92
CA PHE C 276 25.64 -13.02 5.88
C PHE C 276 27.07 -13.49 5.73
N ARG C 277 27.48 -14.38 6.66
CA ARG C 277 28.82 -14.98 6.79
C ARG C 277 28.70 -16.43 7.25
N VAL C 278 29.82 -17.20 7.16
CA VAL C 278 29.86 -18.58 7.65
C VAL C 278 29.92 -18.60 9.20
N SER C 279 29.02 -19.40 9.83
CA SER C 279 28.96 -19.58 11.29
C SER C 279 30.07 -20.57 11.74
N LEU D 34 1.65 -19.93 -34.47
CA LEU D 34 2.84 -20.21 -33.65
C LEU D 34 2.59 -19.89 -32.17
N ILE D 35 3.02 -20.82 -31.29
CA ILE D 35 2.89 -20.72 -29.84
C ILE D 35 4.26 -20.46 -29.21
N THR D 36 4.34 -19.44 -28.34
CA THR D 36 5.53 -19.02 -27.60
C THR D 36 6.06 -20.15 -26.69
N ASP D 37 7.38 -20.19 -26.47
CA ASP D 37 8.00 -21.14 -25.55
C ASP D 37 7.72 -20.76 -24.10
N GLN D 38 7.63 -19.45 -23.78
CA GLN D 38 7.30 -18.95 -22.45
C GLN D 38 5.86 -19.39 -22.05
N SER D 39 4.91 -19.34 -23.01
CA SER D 39 3.54 -19.75 -22.79
C SER D 39 3.44 -21.25 -22.57
N ARG D 40 4.35 -22.04 -23.19
CA ARG D 40 4.39 -23.49 -23.02
C ARG D 40 4.98 -23.86 -21.65
N GLU D 41 5.97 -23.06 -21.18
CA GLU D 41 6.64 -23.16 -19.88
C GLU D 41 5.64 -22.86 -18.78
N GLU D 42 4.95 -21.68 -18.84
CA GLU D 42 3.96 -21.25 -17.84
C GLU D 42 2.73 -22.19 -17.76
N PHE D 43 2.38 -22.82 -18.89
CA PHE D 43 1.25 -23.75 -18.95
C PHE D 43 1.55 -24.98 -18.13
N ASP D 44 2.81 -25.39 -18.16
CA ASP D 44 3.33 -26.55 -17.44
C ASP D 44 3.54 -26.31 -15.93
N ILE D 45 4.24 -25.21 -15.56
CA ILE D 45 4.61 -24.91 -14.16
C ILE D 45 3.58 -24.13 -13.36
N LEU D 46 2.62 -23.44 -14.02
CA LEU D 46 1.60 -22.70 -13.25
C LEU D 46 0.20 -23.23 -13.51
N ARG D 47 -0.37 -23.94 -12.51
CA ARG D 47 -1.70 -24.57 -12.56
C ARG D 47 -2.59 -24.17 -11.37
N TYR D 48 -3.90 -24.02 -11.61
CA TYR D 48 -4.86 -23.60 -10.58
C TYR D 48 -5.17 -24.71 -9.60
N SER D 49 -5.05 -24.42 -8.30
CA SER D 49 -5.49 -25.40 -7.30
C SER D 49 -6.97 -25.03 -7.05
N THR D 50 -7.87 -25.99 -7.35
CA THR D 50 -9.32 -25.77 -7.36
C THR D 50 -10.04 -26.46 -6.23
N LEU D 51 -9.27 -27.18 -5.38
CA LEU D 51 -9.79 -27.90 -4.21
C LEU D 51 -9.71 -27.02 -2.94
N ASN D 52 -9.75 -25.69 -3.14
CA ASN D 52 -9.71 -24.63 -2.12
C ASN D 52 -11.03 -24.53 -1.27
N THR D 53 -10.96 -23.91 -0.07
CA THR D 53 -12.11 -23.71 0.83
C THR D 53 -13.03 -22.62 0.27
N ASN D 54 -12.44 -21.46 -0.11
CA ASN D 54 -13.17 -20.31 -0.64
C ASN D 54 -13.44 -20.38 -2.16
N ALA D 55 -12.95 -21.45 -2.87
CA ALA D 55 -13.12 -21.73 -4.31
C ALA D 55 -14.50 -21.44 -4.91
N TYR D 56 -15.56 -21.56 -4.09
CA TYR D 56 -16.94 -21.29 -4.50
C TYR D 56 -17.05 -19.84 -4.99
N ASP D 57 -16.53 -18.91 -4.17
CA ASP D 57 -16.52 -17.47 -4.41
C ASP D 57 -15.47 -17.04 -5.45
N TYR D 58 -14.73 -17.99 -6.06
CA TYR D 58 -13.68 -17.63 -7.02
C TYR D 58 -13.95 -18.10 -8.44
N PHE D 59 -14.39 -19.37 -8.61
CA PHE D 59 -14.56 -19.97 -9.91
C PHE D 59 -15.94 -19.92 -10.48
N GLY D 60 -15.99 -19.90 -11.81
CA GLY D 60 -17.21 -19.92 -12.60
C GLY D 60 -17.99 -21.18 -12.28
N LYS D 61 -19.30 -21.10 -12.36
CA LYS D 61 -20.10 -22.23 -11.90
C LYS D 61 -20.59 -23.15 -13.04
N THR D 62 -20.16 -22.90 -14.30
CA THR D 62 -20.56 -23.68 -15.47
C THR D 62 -19.38 -24.43 -16.09
N LEU D 63 -19.54 -25.72 -16.32
CA LEU D 63 -18.54 -26.57 -16.97
C LEU D 63 -18.94 -26.73 -18.46
N TYR D 64 -18.02 -26.37 -19.36
CA TYR D 64 -18.20 -26.48 -20.82
C TYR D 64 -17.46 -27.71 -21.29
N VAL D 65 -18.13 -28.58 -22.01
CA VAL D 65 -17.54 -29.83 -22.49
C VAL D 65 -17.71 -29.91 -24.01
N TYR D 66 -16.62 -30.25 -24.72
CA TYR D 66 -16.67 -30.46 -26.16
C TYR D 66 -16.18 -31.85 -26.42
N LEU D 67 -16.90 -32.56 -27.28
CA LEU D 67 -16.58 -33.94 -27.64
C LEU D 67 -16.40 -34.05 -29.17
N ASP D 68 -15.20 -34.52 -29.59
CA ASP D 68 -14.80 -34.75 -30.98
C ASP D 68 -14.73 -36.25 -31.21
N PRO D 69 -15.83 -36.88 -31.71
CA PRO D 69 -15.81 -38.35 -31.91
C PRO D 69 -14.84 -38.86 -32.99
N ALA D 70 -14.42 -40.14 -32.83
CA ALA D 70 -13.49 -40.85 -33.71
C ALA D 70 -13.96 -40.91 -35.17
N SER D 78 -8.45 -39.24 -35.78
CA SER D 78 -8.69 -40.68 -35.85
C SER D 78 -9.34 -41.23 -34.57
N GLY D 79 -9.15 -40.53 -33.45
CA GLY D 79 -9.68 -40.89 -32.15
C GLY D 79 -10.68 -39.91 -31.54
N THR D 80 -11.12 -40.20 -30.32
CA THR D 80 -12.08 -39.36 -29.61
C THR D 80 -11.36 -38.48 -28.59
N GLY D 81 -11.52 -37.17 -28.75
CA GLY D 81 -11.00 -36.15 -27.85
C GLY D 81 -12.15 -35.52 -27.09
N VAL D 82 -12.02 -35.44 -25.75
CA VAL D 82 -12.99 -34.83 -24.85
C VAL D 82 -12.24 -33.81 -23.96
N ALA D 83 -12.81 -32.60 -23.81
CA ALA D 83 -12.24 -31.55 -22.97
C ALA D 83 -13.32 -30.88 -22.19
N ALA D 84 -13.05 -30.64 -20.88
CA ALA D 84 -13.98 -30.02 -19.92
C ALA D 84 -13.28 -28.81 -19.34
N VAL D 85 -13.82 -27.61 -19.63
CA VAL D 85 -13.23 -26.34 -19.22
C VAL D 85 -14.20 -25.46 -18.44
N GLY D 86 -13.66 -24.53 -17.68
CA GLY D 86 -14.44 -23.57 -16.92
C GLY D 86 -13.75 -22.23 -16.88
N ALA D 87 -14.46 -21.21 -16.51
CA ALA D 87 -13.92 -19.87 -16.42
C ALA D 87 -13.38 -19.54 -15.02
N TYR D 88 -12.36 -18.72 -15.00
CA TYR D 88 -11.85 -18.09 -13.82
C TYR D 88 -11.68 -16.68 -14.29
N ARG D 89 -12.62 -15.79 -13.88
CA ARG D 89 -12.64 -14.39 -14.29
C ARG D 89 -12.63 -14.32 -15.83
N HIS D 90 -11.69 -13.58 -16.44
CA HIS D 90 -11.65 -13.50 -17.90
C HIS D 90 -10.71 -14.52 -18.52
N GLN D 91 -10.33 -15.57 -17.76
CA GLN D 91 -9.46 -16.67 -18.21
C GLN D 91 -10.17 -18.05 -18.18
N PHE D 92 -9.50 -19.09 -18.71
CA PHE D 92 -10.06 -20.45 -18.79
C PHE D 92 -9.19 -21.44 -18.09
N LEU D 93 -9.83 -22.41 -17.48
CA LEU D 93 -9.06 -23.48 -16.91
C LEU D 93 -9.60 -24.80 -17.38
N ILE D 94 -8.71 -25.77 -17.62
CA ILE D 94 -9.00 -27.14 -18.04
C ILE D 94 -9.18 -28.03 -16.79
N TYR D 95 -10.37 -28.61 -16.62
CA TYR D 95 -10.72 -29.49 -15.51
C TYR D 95 -10.50 -30.98 -15.81
N GLY D 96 -10.62 -31.35 -17.07
CA GLY D 96 -10.51 -32.74 -17.48
C GLY D 96 -10.22 -32.87 -18.94
N LEU D 97 -9.61 -34.00 -19.29
CA LEU D 97 -9.16 -34.32 -20.64
C LEU D 97 -9.26 -35.80 -20.86
N GLU D 98 -9.81 -36.23 -22.01
CA GLU D 98 -9.87 -37.65 -22.37
C GLU D 98 -9.51 -37.84 -23.84
N HIS D 99 -8.59 -38.77 -24.12
CA HIS D 99 -8.20 -39.11 -25.49
C HIS D 99 -8.12 -40.61 -25.59
N PHE D 100 -9.00 -41.19 -26.39
CA PHE D 100 -9.02 -42.62 -26.48
C PHE D 100 -9.27 -43.15 -27.89
N PHE D 101 -8.92 -44.44 -28.11
CA PHE D 101 -9.09 -45.12 -29.39
C PHE D 101 -9.82 -46.46 -29.18
N LEU D 102 -11.10 -46.54 -29.57
CA LEU D 102 -11.93 -47.74 -29.40
C LEU D 102 -12.10 -48.47 -30.72
N GLU D 107 -21.77 -48.92 -33.25
CA GLU D 107 -22.85 -48.66 -32.31
C GLU D 107 -22.49 -48.96 -30.85
N SER D 108 -21.67 -50.00 -30.60
CA SER D 108 -21.17 -50.41 -29.28
C SER D 108 -20.18 -49.34 -28.79
N SER D 109 -19.48 -48.72 -29.75
CA SER D 109 -18.51 -47.65 -29.56
C SER D 109 -19.19 -46.37 -29.10
N GLU D 110 -20.47 -46.17 -29.54
CA GLU D 110 -21.31 -45.02 -29.18
C GLU D 110 -21.50 -45.00 -27.65
N VAL D 111 -21.78 -46.16 -27.06
CA VAL D 111 -21.94 -46.37 -25.62
C VAL D 111 -20.60 -46.13 -24.89
N ALA D 112 -19.49 -46.69 -25.43
CA ALA D 112 -18.15 -46.55 -24.88
C ALA D 112 -17.71 -45.07 -24.85
N ILE D 113 -17.92 -44.32 -25.97
CA ILE D 113 -17.56 -42.89 -26.06
C ILE D 113 -18.28 -42.12 -24.98
N ALA D 114 -19.62 -42.27 -24.94
CA ALA D 114 -20.51 -41.60 -24.00
C ALA D 114 -20.17 -41.90 -22.55
N GLU D 115 -19.92 -43.17 -22.19
CA GLU D 115 -19.57 -43.59 -20.83
C GLU D 115 -18.23 -43.00 -20.42
N CYS D 116 -17.27 -42.93 -21.36
CA CYS D 116 -15.96 -42.38 -21.09
C CYS D 116 -16.03 -40.88 -20.74
N ALA D 117 -16.78 -40.12 -21.54
CA ALA D 117 -17.02 -38.70 -21.35
C ALA D 117 -17.80 -38.45 -20.04
N ALA D 118 -18.89 -39.24 -19.79
CA ALA D 118 -19.71 -39.15 -18.58
C ALA D 118 -18.91 -39.41 -17.30
N HIS D 119 -18.00 -40.41 -17.32
CA HIS D 119 -17.15 -40.77 -16.18
C HIS D 119 -16.26 -39.60 -15.78
N MET D 120 -15.65 -38.91 -16.76
CA MET D 120 -14.79 -37.76 -16.54
C MET D 120 -15.58 -36.60 -15.93
N ILE D 121 -16.73 -36.23 -16.54
CA ILE D 121 -17.62 -35.16 -16.09
C ILE D 121 -18.04 -35.43 -14.64
N ILE D 122 -18.53 -36.66 -14.32
CA ILE D 122 -18.99 -37.01 -12.97
C ILE D 122 -17.84 -36.79 -11.95
N SER D 123 -16.61 -37.19 -12.28
CA SER D 123 -15.45 -37.01 -11.40
C SER D 123 -15.10 -35.55 -11.20
N VAL D 124 -15.19 -34.73 -12.27
CA VAL D 124 -14.92 -33.29 -12.19
C VAL D 124 -15.95 -32.65 -11.26
N LEU D 125 -17.25 -33.00 -11.41
CA LEU D 125 -18.31 -32.44 -10.58
C LEU D 125 -18.17 -32.83 -9.11
N SER D 126 -17.69 -34.05 -8.83
CA SER D 126 -17.49 -34.56 -7.48
C SER D 126 -16.43 -33.77 -6.74
N LEU D 127 -15.36 -33.36 -7.43
CA LEU D 127 -14.28 -32.57 -6.84
C LEU D 127 -14.62 -31.07 -6.73
N HIS D 128 -15.50 -30.56 -7.61
CA HIS D 128 -15.87 -29.14 -7.67
C HIS D 128 -17.36 -28.93 -7.40
N PRO D 129 -17.77 -28.91 -6.11
CA PRO D 129 -19.21 -28.77 -5.82
C PRO D 129 -19.82 -27.43 -6.23
N TYR D 130 -19.01 -26.42 -6.56
CA TYR D 130 -19.46 -25.11 -7.01
C TYR D 130 -20.06 -25.14 -8.43
N LEU D 131 -19.65 -26.14 -9.27
CA LEU D 131 -20.17 -26.29 -10.63
C LEU D 131 -21.64 -26.73 -10.51
N ASP D 132 -22.56 -25.93 -11.08
CA ASP D 132 -24.00 -26.13 -11.01
C ASP D 132 -24.68 -26.19 -12.39
N GLU D 133 -23.91 -26.04 -13.46
CA GLU D 133 -24.43 -26.13 -14.82
C GLU D 133 -23.39 -26.81 -15.67
N LEU D 134 -23.88 -27.54 -16.66
CA LEU D 134 -23.08 -28.33 -17.56
C LEU D 134 -23.54 -28.03 -18.99
N ARG D 135 -22.61 -27.52 -19.84
CA ARG D 135 -22.90 -27.15 -21.23
C ARG D 135 -22.06 -28.02 -22.14
N ILE D 136 -22.69 -28.96 -22.85
CA ILE D 136 -21.98 -29.92 -23.69
C ILE D 136 -22.24 -29.70 -25.18
N ALA D 137 -21.18 -29.82 -26.00
CA ALA D 137 -21.27 -29.79 -27.46
C ALA D 137 -20.67 -31.08 -28.02
N VAL D 138 -21.48 -31.85 -28.76
CA VAL D 138 -21.06 -33.11 -29.38
C VAL D 138 -20.95 -32.82 -30.87
N GLU D 139 -19.74 -32.98 -31.46
CA GLU D 139 -19.49 -32.74 -32.87
C GLU D 139 -20.24 -33.78 -33.74
N GLY D 140 -21.13 -33.31 -34.61
CA GLY D 140 -21.96 -34.18 -35.45
C GLY D 140 -21.68 -34.20 -36.94
N ASN D 141 -20.45 -33.77 -37.34
CA ASN D 141 -20.00 -33.70 -38.73
C ASN D 141 -19.90 -35.07 -39.39
N THR D 142 -19.13 -35.98 -38.73
CA THR D 142 -18.82 -37.35 -39.12
C THR D 142 -20.15 -38.20 -39.35
N ASN D 143 -21.15 -38.06 -38.43
CA ASN D 143 -22.45 -38.74 -38.42
C ASN D 143 -23.37 -37.97 -37.45
N GLN D 144 -24.41 -37.32 -38.00
CA GLN D 144 -25.37 -36.53 -37.21
C GLN D 144 -26.19 -37.38 -36.26
N ALA D 145 -26.70 -38.53 -36.75
CA ALA D 145 -27.53 -39.47 -35.98
C ALA D 145 -26.77 -40.06 -34.77
N ALA D 146 -25.49 -40.46 -34.97
CA ALA D 146 -24.66 -41.02 -33.91
C ALA D 146 -24.38 -39.98 -32.83
N ALA D 147 -24.18 -38.69 -33.22
CA ALA D 147 -23.94 -37.59 -32.29
C ALA D 147 -25.13 -37.35 -31.37
N VAL D 148 -26.38 -37.42 -31.93
CA VAL D 148 -27.61 -37.26 -31.16
C VAL D 148 -27.78 -38.42 -30.17
N ARG D 149 -27.36 -39.64 -30.56
CA ARG D 149 -27.38 -40.83 -29.70
C ARG D 149 -26.39 -40.65 -28.52
N ILE D 150 -25.18 -40.11 -28.79
CA ILE D 150 -24.16 -39.87 -27.76
C ILE D 150 -24.64 -38.82 -26.75
N ALA D 151 -25.29 -37.77 -27.24
CA ALA D 151 -25.78 -36.72 -26.34
C ALA D 151 -26.76 -37.27 -25.31
N CYS D 152 -27.70 -38.13 -25.75
CA CYS D 152 -28.68 -38.74 -24.85
C CYS D 152 -28.04 -39.70 -23.87
N LEU D 153 -27.00 -40.43 -24.30
CA LEU D 153 -26.30 -41.35 -23.41
C LEU D 153 -25.52 -40.62 -22.32
N ILE D 154 -24.79 -39.53 -22.65
CA ILE D 154 -24.05 -38.72 -21.66
C ILE D 154 -25.06 -38.16 -20.62
N ARG D 155 -26.12 -37.50 -21.11
CA ARG D 155 -27.18 -36.94 -20.30
C ARG D 155 -27.76 -37.95 -19.32
N GLN D 156 -28.15 -39.15 -19.80
CA GLN D 156 -28.70 -40.23 -18.96
C GLN D 156 -27.70 -40.72 -17.92
N SER D 157 -26.43 -40.81 -18.30
CA SER D 157 -25.34 -41.26 -17.43
C SER D 157 -25.12 -40.24 -16.30
N VAL D 158 -24.89 -38.98 -16.67
CA VAL D 158 -24.70 -37.86 -15.75
C VAL D 158 -25.89 -37.67 -14.78
N GLN D 159 -27.12 -37.70 -15.29
CA GLN D 159 -28.33 -37.50 -14.49
C GLN D 159 -28.68 -38.68 -13.56
N SER D 160 -28.10 -39.87 -13.80
CA SER D 160 -28.27 -41.03 -12.92
C SER D 160 -27.43 -40.83 -11.68
N SER D 161 -26.24 -40.21 -11.84
CA SER D 161 -25.25 -39.99 -10.79
C SER D 161 -25.45 -38.74 -9.96
N THR D 162 -25.87 -37.63 -10.57
CA THR D 162 -25.95 -36.33 -9.89
C THR D 162 -27.16 -35.50 -10.33
N LEU D 163 -27.61 -34.58 -9.47
CA LEU D 163 -28.69 -33.65 -9.80
C LEU D 163 -28.03 -32.34 -10.24
N ILE D 164 -27.95 -32.14 -11.58
CA ILE D 164 -27.33 -30.97 -12.21
C ILE D 164 -28.11 -30.56 -13.49
N ARG D 165 -28.05 -29.25 -13.82
CA ARG D 165 -28.65 -28.68 -15.02
C ARG D 165 -27.74 -29.06 -16.17
N VAL D 166 -28.28 -29.73 -17.20
CA VAL D 166 -27.49 -30.22 -18.37
C VAL D 166 -28.06 -29.61 -19.65
N LEU D 167 -27.25 -28.83 -20.37
CA LEU D 167 -27.63 -28.19 -21.63
C LEU D 167 -26.70 -28.67 -22.73
N PHE D 168 -27.27 -28.87 -23.94
CA PHE D 168 -26.55 -29.31 -25.12
C PHE D 168 -26.59 -28.27 -26.20
N TYR D 169 -25.53 -28.21 -27.03
CA TYR D 169 -25.49 -27.28 -28.15
C TYR D 169 -26.46 -27.84 -29.19
N HIS D 170 -27.40 -27.01 -29.65
CA HIS D 170 -28.39 -27.38 -30.64
C HIS D 170 -28.17 -26.63 -31.95
N THR D 171 -28.12 -27.39 -33.08
CA THR D 171 -28.02 -26.85 -34.44
C THR D 171 -29.29 -27.30 -35.21
N PRO D 172 -29.90 -26.43 -36.06
CA PRO D 172 -31.06 -26.87 -36.86
C PRO D 172 -30.62 -27.72 -38.05
N ASP D 173 -31.24 -28.93 -38.16
CA ASP D 173 -30.99 -29.92 -39.23
C ASP D 173 -31.61 -29.51 -40.61
N GLN D 174 -31.42 -30.37 -41.64
CA GLN D 174 -31.92 -30.19 -43.01
C GLN D 174 -33.44 -29.93 -43.06
N ASN D 175 -34.19 -30.54 -42.11
CA ASN D 175 -35.65 -30.43 -41.98
C ASN D 175 -36.11 -29.28 -41.04
N HIS D 176 -35.12 -28.50 -40.50
CA HIS D 176 -35.24 -27.32 -39.61
C HIS D 176 -35.48 -27.64 -38.12
N ILE D 177 -35.65 -28.93 -37.77
CA ILE D 177 -35.82 -29.36 -36.37
C ILE D 177 -34.45 -29.23 -35.64
N GLU D 178 -34.43 -28.53 -34.47
CA GLU D 178 -33.21 -28.34 -33.68
C GLU D 178 -32.74 -29.66 -33.05
N GLN D 179 -31.49 -30.09 -33.37
CA GLN D 179 -30.94 -31.34 -32.87
C GLN D 179 -29.75 -31.10 -31.95
N PRO D 180 -29.56 -31.95 -30.88
CA PRO D 180 -28.45 -31.70 -29.94
C PRO D 180 -27.04 -32.10 -30.45
N PHE D 181 -26.54 -31.39 -31.45
CA PHE D 181 -25.18 -31.60 -31.94
C PHE D 181 -24.59 -30.30 -32.48
N TYR D 182 -23.28 -30.24 -32.58
CA TYR D 182 -22.57 -29.08 -33.10
C TYR D 182 -22.01 -29.44 -34.46
N LEU D 183 -22.13 -28.53 -35.44
CA LEU D 183 -21.52 -28.74 -36.75
C LEU D 183 -20.34 -27.81 -36.98
N MET D 184 -19.18 -28.39 -37.24
CA MET D 184 -17.99 -27.61 -37.51
C MET D 184 -17.92 -27.21 -38.98
N GLY D 185 -17.49 -25.98 -39.22
CA GLY D 185 -17.36 -25.43 -40.55
C GLY D 185 -16.25 -24.41 -40.62
N ARG D 186 -16.55 -23.25 -41.26
CA ARG D 186 -15.62 -22.14 -41.46
C ARG D 186 -15.09 -21.58 -40.12
N ASP D 187 -15.99 -21.50 -39.12
CA ASP D 187 -15.72 -21.01 -37.75
C ASP D 187 -14.53 -21.66 -37.05
N LYS D 188 -14.06 -22.84 -37.53
CA LYS D 188 -12.90 -23.56 -36.99
C LYS D 188 -11.64 -22.69 -37.07
N ALA D 189 -11.49 -21.94 -38.18
CA ALA D 189 -10.37 -21.03 -38.38
C ALA D 189 -10.38 -19.94 -37.30
N LEU D 190 -11.58 -19.38 -36.99
CA LEU D 190 -11.79 -18.34 -35.99
C LEU D 190 -11.45 -18.85 -34.60
N ALA D 191 -11.98 -20.05 -34.25
CA ALA D 191 -11.73 -20.72 -32.98
C ALA D 191 -10.23 -20.93 -32.74
N VAL D 192 -9.50 -21.48 -33.73
CA VAL D 192 -8.06 -21.74 -33.64
C VAL D 192 -7.30 -20.43 -33.41
N GLU D 193 -7.64 -19.40 -34.20
CA GLU D 193 -7.04 -18.07 -34.10
C GLU D 193 -7.21 -17.50 -32.69
N GLN D 194 -8.44 -17.51 -32.17
CA GLN D 194 -8.81 -17.04 -30.84
C GLN D 194 -7.97 -17.76 -29.77
N PHE D 195 -7.87 -19.11 -29.87
CA PHE D 195 -7.09 -19.96 -28.97
C PHE D 195 -5.63 -19.57 -28.96
N ILE D 196 -4.98 -19.54 -30.14
CA ILE D 196 -3.57 -19.16 -30.27
C ILE D 196 -3.27 -17.89 -29.50
N SER D 197 -4.14 -16.90 -29.65
CA SER D 197 -4.04 -15.61 -28.99
C SER D 197 -4.12 -15.77 -27.47
N ARG D 198 -5.24 -16.35 -26.96
CA ARG D 198 -5.48 -16.58 -25.54
C ARG D 198 -4.36 -17.38 -24.89
N PHE D 199 -3.97 -18.52 -25.52
CA PHE D 199 -2.87 -19.34 -25.06
C PHE D 199 -1.59 -18.55 -24.94
N ASN D 200 -1.23 -17.75 -25.95
CA ASN D 200 0.00 -16.96 -25.89
C ASN D 200 -0.01 -15.89 -24.81
N SER D 201 -1.20 -15.36 -24.47
CA SER D 201 -1.39 -14.32 -23.45
C SER D 201 -1.41 -14.92 -22.05
N GLY D 202 -1.53 -16.25 -21.98
CA GLY D 202 -1.58 -17.00 -20.74
C GLY D 202 -2.98 -17.08 -20.16
N TYR D 203 -4.00 -16.93 -21.01
CA TYR D 203 -5.39 -16.96 -20.54
C TYR D 203 -5.97 -18.40 -20.45
N ILE D 204 -5.18 -19.43 -20.84
CA ILE D 204 -5.55 -20.85 -20.76
C ILE D 204 -4.64 -21.56 -19.81
N LYS D 205 -5.19 -22.07 -18.72
CA LYS D 205 -4.42 -22.77 -17.68
C LYS D 205 -5.06 -24.12 -17.34
N ALA D 206 -4.28 -25.01 -16.75
CA ALA D 206 -4.73 -26.33 -16.32
C ALA D 206 -5.01 -26.33 -14.83
N SER D 207 -5.85 -27.26 -14.38
CA SER D 207 -6.19 -27.46 -12.99
C SER D 207 -5.14 -28.42 -12.40
N GLN D 208 -4.73 -28.22 -11.14
CA GLN D 208 -3.77 -29.11 -10.51
C GLN D 208 -4.40 -30.51 -10.30
N GLU D 209 -5.75 -30.56 -10.14
CA GLU D 209 -6.57 -31.76 -9.92
C GLU D 209 -7.32 -32.13 -11.22
N LEU D 210 -6.60 -32.07 -12.36
CA LEU D 210 -7.14 -32.37 -13.69
C LEU D 210 -7.47 -33.88 -13.77
N VAL D 211 -8.70 -34.21 -14.14
CA VAL D 211 -9.23 -35.58 -14.29
C VAL D 211 -8.92 -36.13 -15.70
N SER D 212 -8.36 -37.35 -15.76
CA SER D 212 -8.08 -38.07 -17.01
C SER D 212 -7.91 -39.56 -16.76
N TYR D 213 -8.92 -40.34 -17.08
CA TYR D 213 -8.87 -41.78 -16.92
C TYR D 213 -8.08 -42.44 -18.04
N THR D 214 -8.17 -41.87 -19.26
CA THR D 214 -7.51 -42.39 -20.47
C THR D 214 -6.04 -41.98 -20.59
N ILE D 215 -5.66 -40.75 -20.21
CA ILE D 215 -4.25 -40.34 -20.26
C ILE D 215 -3.55 -40.82 -18.98
N LYS D 216 -3.26 -42.13 -18.95
CA LYS D 216 -2.56 -42.83 -17.86
C LYS D 216 -1.35 -43.47 -18.51
N LEU D 217 -0.22 -43.64 -17.76
CA LEU D 217 1.05 -44.22 -18.23
C LEU D 217 1.78 -43.32 -19.24
N SER D 218 1.02 -42.58 -20.08
CA SER D 218 1.52 -41.60 -21.05
C SER D 218 1.90 -40.33 -20.24
N HIS D 219 2.20 -40.59 -18.94
CA HIS D 219 2.55 -39.66 -17.87
C HIS D 219 1.44 -38.61 -17.63
N ASP D 220 1.86 -37.35 -17.60
CA ASP D 220 1.13 -36.16 -17.28
C ASP D 220 0.21 -35.72 -18.42
N PRO D 221 -1.11 -35.57 -18.14
CA PRO D 221 -2.04 -35.13 -19.20
C PRO D 221 -1.72 -33.74 -19.78
N ILE D 222 -1.05 -32.82 -19.02
CA ILE D 222 -0.68 -31.50 -19.55
C ILE D 222 0.46 -31.63 -20.53
N GLU D 223 1.48 -32.47 -20.20
CA GLU D 223 2.63 -32.72 -21.08
C GLU D 223 2.15 -33.39 -22.37
N TYR D 224 1.16 -34.30 -22.27
CA TYR D 224 0.53 -35.00 -23.40
C TYR D 224 -0.13 -33.98 -24.35
N LEU D 225 -1.01 -33.11 -23.81
CA LEU D 225 -1.69 -32.04 -24.52
C LEU D 225 -0.65 -31.09 -25.17
N LEU D 226 0.40 -30.68 -24.41
CA LEU D 226 1.45 -29.80 -24.91
C LEU D 226 2.05 -30.31 -26.22
N GLU D 227 2.24 -31.63 -26.34
CA GLU D 227 2.75 -32.27 -27.57
C GLU D 227 1.80 -32.03 -28.78
N GLN D 228 0.47 -32.04 -28.56
CA GLN D 228 -0.51 -31.75 -29.62
C GLN D 228 -0.47 -30.27 -30.03
N ILE D 229 -0.22 -29.36 -29.06
CA ILE D 229 -0.13 -27.91 -29.31
C ILE D 229 1.14 -27.58 -30.16
N GLN D 230 2.27 -28.26 -29.89
CA GLN D 230 3.52 -28.06 -30.64
C GLN D 230 3.36 -28.46 -32.12
N ASN D 231 2.36 -29.31 -32.43
CA ASN D 231 2.10 -29.75 -33.79
C ASN D 231 0.98 -28.95 -34.47
N LEU D 232 0.44 -27.90 -33.77
CA LEU D 232 -0.62 -27.02 -34.29
C LEU D 232 -0.01 -25.82 -34.98
N SER D 254 -4.67 -37.80 -33.80
CA SER D 254 -3.52 -37.16 -33.17
C SER D 254 -3.74 -35.66 -32.83
N ASP D 255 -4.86 -35.04 -33.25
CA ASP D 255 -5.20 -33.63 -32.93
C ASP D 255 -6.52 -33.50 -32.15
N ASP D 256 -7.26 -34.61 -32.00
CA ASP D 256 -8.58 -34.68 -31.37
C ASP D 256 -8.66 -34.01 -29.99
N LEU D 257 -7.59 -34.07 -29.18
CA LEU D 257 -7.59 -33.49 -27.84
C LEU D 257 -7.45 -31.98 -27.90
N ILE D 258 -6.49 -31.47 -28.70
CA ILE D 258 -6.33 -30.02 -28.80
C ILE D 258 -7.57 -29.37 -29.45
N ILE D 259 -8.17 -30.03 -30.47
CA ILE D 259 -9.41 -29.55 -31.13
C ILE D 259 -10.53 -29.41 -30.09
N ALA D 260 -10.67 -30.40 -29.19
CA ALA D 260 -11.66 -30.37 -28.11
C ALA D 260 -11.38 -29.20 -27.15
N VAL D 261 -10.10 -28.91 -26.82
CA VAL D 261 -9.72 -27.79 -25.93
C VAL D 261 -10.06 -26.45 -26.60
N ILE D 262 -9.63 -26.29 -27.88
CA ILE D 262 -9.89 -25.09 -28.69
C ILE D 262 -11.39 -24.81 -28.74
N MET D 263 -12.19 -25.82 -29.05
CA MET D 263 -13.63 -25.69 -29.23
C MET D 263 -14.39 -25.44 -27.94
N ALA D 264 -14.02 -26.10 -26.82
CA ALA D 264 -14.65 -25.92 -25.51
C ALA D 264 -14.43 -24.50 -25.01
N THR D 265 -13.25 -23.93 -25.25
CA THR D 265 -12.96 -22.55 -24.83
C THR D 265 -13.63 -21.54 -25.77
N TYR D 266 -13.85 -21.94 -27.03
CA TYR D 266 -14.50 -21.12 -28.04
C TYR D 266 -15.96 -20.96 -27.72
N LEU D 267 -16.62 -22.07 -27.30
CA LEU D 267 -18.05 -22.12 -26.98
C LEU D 267 -18.39 -21.53 -25.60
N CYS D 268 -17.40 -20.98 -24.89
CA CYS D 268 -17.57 -20.30 -23.61
C CYS D 268 -18.24 -18.95 -23.78
N ASP D 269 -18.02 -18.27 -24.94
CA ASP D 269 -18.53 -16.94 -25.33
C ASP D 269 -20.02 -16.78 -25.13
N ASP D 270 -20.44 -15.56 -24.79
CA ASP D 270 -21.84 -15.19 -24.59
C ASP D 270 -22.61 -15.32 -25.91
N ILE D 271 -21.93 -15.06 -27.05
CA ILE D 271 -22.48 -15.17 -28.40
C ILE D 271 -23.11 -16.57 -28.72
N HIS D 272 -22.64 -17.63 -28.05
CA HIS D 272 -23.11 -18.99 -28.27
C HIS D 272 -24.14 -19.47 -27.24
N ALA D 273 -24.28 -18.75 -26.11
CA ALA D 273 -25.11 -19.10 -24.98
C ALA D 273 -26.53 -19.56 -25.35
N ILE D 274 -27.17 -18.88 -26.33
CA ILE D 274 -28.54 -19.18 -26.76
C ILE D 274 -28.69 -20.56 -27.44
N ARG D 275 -27.56 -21.13 -27.92
CA ARG D 275 -27.55 -22.41 -28.64
C ARG D 275 -27.59 -23.59 -27.70
N PHE D 276 -27.23 -23.34 -26.44
CA PHE D 276 -27.26 -24.34 -25.38
C PHE D 276 -28.67 -24.38 -24.75
N ARG D 277 -29.30 -25.57 -24.80
CA ARG D 277 -30.64 -25.78 -24.24
C ARG D 277 -30.84 -27.21 -23.75
N VAL D 278 -31.93 -27.47 -23.01
CA VAL D 278 -32.17 -28.83 -22.48
C VAL D 278 -32.55 -29.81 -23.61
N SER D 279 -31.89 -30.99 -23.65
CA SER D 279 -32.17 -32.02 -24.66
C SER D 279 -33.19 -33.07 -24.19
MN MN E . -5.60 33.72 36.63
MN MN F . -2.34 34.79 35.31
MN MN G . 11.27 29.93 13.66
C3 C3W H . -5.89 30.23 40.22
C2 C3W H . -6.27 31.14 41.20
C8 C3W H . -4.32 33.43 39.58
C6 C3W H . -6.78 29.28 42.66
C7 C3W H . -6.72 30.64 42.42
O1 C3W H . -3.06 34.16 37.10
C1 C3W H . -6.19 32.62 40.95
C5 C3W H . -6.39 28.43 41.66
C9 C3W H . -2.90 33.95 39.51
C10 C3W H . -2.36 34.30 38.10
C4 C3W H . -5.95 28.86 40.44
O3 C3W H . -0.53 35.09 36.78
C11 C3W H . -0.94 34.84 38.00
O2 C3W H . -0.22 35.01 38.98
O C3W H . -5.00 33.30 38.57
N C3W H . -4.81 33.12 40.80
C C3W H . -4.06 33.26 42.05
F C3W H . -6.45 27.09 41.89
MN MN I . 6.34 8.24 -19.03
MN MN J . 3.33 10.78 -18.74
C3 C3W K . 5.15 3.29 -19.23
C2 C3W K . 5.79 3.08 -20.45
C8 C3W K . 4.73 6.24 -20.95
C6 C3W K . 6.23 0.79 -19.75
C7 C3W K . 6.30 1.81 -20.69
O1 C3W K . 4.20 8.84 -19.71
C1 C3W K . 6.02 4.20 -21.42
C5 C3W K . 5.63 1.08 -18.55
C9 C3W K . 3.59 7.17 -21.37
C10 C3W K . 3.44 8.52 -20.62
C4 C3W K . 5.07 2.30 -18.27
O3 C3W K . 1.55 9.11 -21.99
C11 C3W K . 2.30 9.42 -21.07
O2 C3W K . 2.20 10.54 -20.42
O C3W K . 5.48 6.54 -20.03
N C3W K . 4.86 5.08 -21.63
C C3W K . 3.96 4.65 -22.70
F C3W K . 5.65 0.13 -17.57
MN MN L . 9.70 -12.53 17.56
MN MN M . 6.62 -14.59 17.53
MN MN N . 7.38 -30.94 -17.37
C3 C3W O . 10.17 -7.75 18.55
C2 C3W O . 10.84 -7.91 19.76
C8 C3W O . 8.93 -10.64 20.00
C6 C3W O . 11.77 -5.69 19.51
C7 C3W O . 11.61 -6.86 20.24
O1 C3W O . 7.38 -12.61 18.49
C1 C3W O . 10.89 -9.25 20.44
C5 C3W O . 11.12 -5.58 18.31
C9 C3W O . 7.74 -11.40 20.57
C10 C3W O . 7.02 -12.43 19.65
C4 C3W O . 10.31 -6.58 17.81
O3 C3W O . 5.30 -14.06 19.46
C11 C3W O . 5.85 -13.21 20.26
O2 C3W O . 5.49 -13.04 21.42
O C3W O . 9.29 -10.81 18.84
N C3W O . 9.57 -9.78 20.82
C C3W O . 9.16 -9.47 22.19
F C3W O . 11.27 -4.44 17.58
MN MN P . -14.02 -34.37 -35.55
MN MN Q . -10.48 -35.25 -34.71
C3 C3W R . -15.84 -30.99 -41.58
C2 C3W R . -15.11 -31.52 -40.52
C8 C3W R . -13.50 -34.11 -38.82
C6 C3W R . -14.08 -29.36 -40.20
C7 C3W R . -14.24 -30.68 -39.83
O1 C3W R . -12.40 -35.22 -36.37
C1 C3W R . -15.22 -32.99 -40.18
C5 C3W R . -14.81 -28.88 -41.27
C9 C3W R . -12.18 -34.84 -38.77
C10 C3W R . -11.72 -35.39 -37.39
C4 C3W R . -15.70 -29.67 -41.96
O3 C3W R . -9.77 -36.26 -38.47
C11 C3W R . -10.41 -36.13 -37.35
O2 C3W R . -10.01 -36.59 -36.29
O C3W R . -14.18 -33.94 -37.82
N C3W R . -13.91 -33.64 -40.03
C C3W R . -13.14 -33.79 -41.27
F C3W R . -14.63 -27.60 -41.67
CL CL S . -22.46 -30.74 -7.61
#